data_2EOY
#
_entry.id   2EOY
#
loop_
_entity.id
_entity.type
_entity.pdbx_description
1 polymer 'Zinc finger protein 473'
2 non-polymer 'ZINC ION'
#
_entity_poly.entity_id   1
_entity_poly.type   'polypeptide(L)'
_entity_poly.pdbx_seq_one_letter_code
;GSSGSSGQKEKCFKCNKCEKTFSCSKYLTQHERIHTRGVKSGPSSG
;
_entity_poly.pdbx_strand_id   A
#
loop_
_chem_comp.id
_chem_comp.type
_chem_comp.name
_chem_comp.formula
ZN non-polymer 'ZINC ION' 'Zn 2'
#
# COMPACT_ATOMS: atom_id res chain seq x y z
N GLY A 1 -0.15 -32.91 -13.33
CA GLY A 1 -1.29 -33.16 -12.44
C GLY A 1 -1.17 -32.40 -11.14
N SER A 2 -0.91 -31.10 -11.24
CA SER A 2 -0.77 -30.25 -10.06
C SER A 2 -1.97 -29.31 -9.93
N SER A 3 -3.17 -29.83 -10.19
CA SER A 3 -4.38 -29.04 -10.11
C SER A 3 -5.22 -29.44 -8.89
N GLY A 4 -5.97 -28.48 -8.35
CA GLY A 4 -6.80 -28.75 -7.20
C GLY A 4 -6.95 -27.54 -6.29
N SER A 5 -6.53 -27.69 -5.03
CA SER A 5 -6.64 -26.60 -4.07
C SER A 5 -6.22 -25.28 -4.70
N SER A 6 -7.17 -24.38 -4.87
CA SER A 6 -6.90 -23.07 -5.47
C SER A 6 -8.01 -22.07 -5.12
N GLY A 7 -7.61 -20.92 -4.60
CA GLY A 7 -8.57 -19.91 -4.22
C GLY A 7 -7.92 -18.69 -3.60
N GLN A 8 -8.21 -17.51 -4.16
CA GLN A 8 -7.64 -16.27 -3.66
C GLN A 8 -8.42 -15.77 -2.46
N LYS A 9 -8.78 -16.67 -1.55
CA LYS A 9 -9.53 -16.32 -0.35
C LYS A 9 -8.74 -15.36 0.52
N GLU A 10 -7.56 -15.79 0.96
CA GLU A 10 -6.70 -14.98 1.80
C GLU A 10 -6.12 -13.80 1.01
N LYS A 11 -6.31 -12.59 1.52
CA LYS A 11 -5.81 -11.40 0.86
C LYS A 11 -5.06 -10.51 1.86
N CYS A 12 -4.01 -9.85 1.38
CA CYS A 12 -3.22 -8.97 2.22
C CYS A 12 -2.69 -7.78 1.43
N PHE A 13 -2.99 -6.58 1.90
CA PHE A 13 -2.55 -5.36 1.23
C PHE A 13 -1.31 -4.79 1.89
N LYS A 14 -0.15 -5.03 1.30
CA LYS A 14 1.12 -4.55 1.84
C LYS A 14 1.68 -3.44 0.96
N CYS A 15 1.92 -2.27 1.57
CA CYS A 15 2.45 -1.12 0.85
C CYS A 15 3.75 -1.50 0.13
N ASN A 16 4.31 -0.53 -0.60
CA ASN A 16 5.55 -0.77 -1.34
C ASN A 16 6.70 -0.01 -0.69
N LYS A 17 6.55 1.29 -0.53
CA LYS A 17 7.58 2.12 0.07
C LYS A 17 7.89 1.67 1.49
N CYS A 18 6.93 1.87 2.39
CA CYS A 18 7.10 1.46 3.79
C CYS A 18 6.97 -0.05 3.94
N GLU A 19 6.10 -0.65 3.14
CA GLU A 19 5.88 -2.09 3.18
C GLU A 19 5.13 -2.49 4.45
N LYS A 20 4.10 -1.71 4.79
CA LYS A 20 3.30 -1.99 5.97
C LYS A 20 2.01 -2.70 5.61
N THR A 21 1.76 -3.82 6.28
CA THR A 21 0.55 -4.61 6.02
C THR A 21 -0.68 -3.94 6.62
N PHE A 22 -1.77 -3.94 5.86
CA PHE A 22 -3.01 -3.33 6.31
C PHE A 22 -4.15 -4.36 6.36
N SER A 23 -5.31 -3.92 6.81
CA SER A 23 -6.47 -4.80 6.91
C SER A 23 -7.37 -4.67 5.67
N CYS A 24 -7.72 -3.44 5.35
CA CYS A 24 -8.57 -3.17 4.19
C CYS A 24 -7.75 -2.60 3.03
N SER A 25 -8.43 -2.35 1.91
CA SER A 25 -7.77 -1.81 0.73
C SER A 25 -7.78 -0.28 0.75
N LYS A 26 -8.99 0.29 0.82
CA LYS A 26 -9.14 1.74 0.85
C LYS A 26 -8.14 2.38 1.81
N TYR A 27 -7.85 1.68 2.91
CA TYR A 27 -6.91 2.19 3.90
C TYR A 27 -5.51 2.31 3.30
N LEU A 28 -5.12 1.34 2.49
CA LEU A 28 -3.80 1.35 1.85
C LEU A 28 -3.75 2.39 0.73
N THR A 29 -4.61 2.21 -0.28
CA THR A 29 -4.66 3.12 -1.41
C THR A 29 -4.45 4.56 -0.96
N GLN A 30 -5.26 5.00 0.01
CA GLN A 30 -5.16 6.36 0.52
C GLN A 30 -3.83 6.58 1.21
N HIS A 31 -3.45 5.65 2.08
CA HIS A 31 -2.19 5.74 2.81
C HIS A 31 -1.03 6.01 1.86
N GLU A 32 -0.89 5.17 0.84
CA GLU A 32 0.18 5.31 -0.14
C GLU A 32 0.49 6.79 -0.38
N ARG A 33 -0.56 7.61 -0.41
CA ARG A 33 -0.41 9.04 -0.63
C ARG A 33 0.71 9.62 0.24
N ILE A 34 0.66 9.32 1.52
CA ILE A 34 1.66 9.80 2.47
C ILE A 34 3.04 9.84 1.82
N HIS A 35 3.28 8.93 0.88
CA HIS A 35 4.56 8.87 0.18
C HIS A 35 4.56 9.78 -1.03
N THR A 36 4.57 11.10 -0.79
CA THR A 36 4.57 12.07 -1.87
C THR A 36 5.62 13.15 -1.63
N ARG A 37 6.72 13.08 -2.39
CA ARG A 37 7.80 14.05 -2.25
C ARG A 37 7.37 15.42 -2.78
N GLY A 38 7.47 16.43 -1.94
CA GLY A 38 7.08 17.78 -2.33
C GLY A 38 5.81 18.25 -1.65
N VAL A 39 5.94 18.74 -0.42
CA VAL A 39 4.79 19.21 0.33
C VAL A 39 4.92 20.70 0.63
N LYS A 40 3.96 21.49 0.14
CA LYS A 40 3.96 22.93 0.36
C LYS A 40 3.60 23.25 1.81
N SER A 41 4.04 24.42 2.27
CA SER A 41 3.77 24.84 3.63
C SER A 41 4.17 23.76 4.64
N GLY A 42 5.30 23.14 4.41
CA GLY A 42 5.78 22.09 5.30
C GLY A 42 6.81 22.59 6.29
N PRO A 43 8.09 22.44 5.95
CA PRO A 43 9.20 22.88 6.82
C PRO A 43 9.30 24.40 6.91
N SER A 44 9.02 25.08 5.79
CA SER A 44 9.07 26.53 5.74
C SER A 44 8.10 27.08 4.72
N SER A 45 7.46 28.20 5.06
CA SER A 45 6.49 28.83 4.17
C SER A 45 7.00 28.83 2.73
N GLY A 46 8.13 29.50 2.50
CA GLY A 46 8.70 29.57 1.17
C GLY A 46 9.88 28.63 1.00
ZN ZN B . 3.32 3.10 2.79
N GLY A 1 10.23 -23.98 13.18
CA GLY A 1 9.84 -23.99 14.58
C GLY A 1 8.34 -23.92 14.75
N SER A 2 7.78 -22.73 14.58
CA SER A 2 6.34 -22.53 14.72
C SER A 2 5.90 -21.22 14.07
N SER A 3 4.79 -21.27 13.35
CA SER A 3 4.26 -20.10 12.67
C SER A 3 2.73 -20.12 12.65
N GLY A 4 2.14 -18.93 12.61
CA GLY A 4 0.69 -18.84 12.58
C GLY A 4 0.16 -18.34 11.25
N SER A 5 -1.16 -18.21 11.15
CA SER A 5 -1.79 -17.76 9.91
C SER A 5 -1.32 -16.34 9.55
N SER A 6 -1.57 -15.40 10.47
CA SER A 6 -1.18 -14.01 10.24
C SER A 6 -1.55 -13.56 8.83
N GLY A 7 -2.70 -14.00 8.36
CA GLY A 7 -3.15 -13.62 7.02
C GLY A 7 -4.40 -14.36 6.60
N GLN A 8 -4.27 -15.67 6.40
CA GLN A 8 -5.41 -16.49 5.98
C GLN A 8 -5.79 -16.20 4.53
N LYS A 9 -4.79 -15.95 3.70
CA LYS A 9 -5.02 -15.66 2.29
C LYS A 9 -6.30 -14.86 2.10
N GLU A 10 -6.43 -13.76 2.85
CA GLU A 10 -7.60 -12.91 2.77
C GLU A 10 -7.38 -11.76 1.78
N LYS A 11 -6.45 -11.96 0.85
CA LYS A 11 -6.14 -10.95 -0.14
C LYS A 11 -5.41 -9.76 0.48
N CYS A 12 -4.62 -10.03 1.51
CA CYS A 12 -3.87 -9.00 2.21
C CYS A 12 -3.19 -8.07 1.21
N PHE A 13 -2.72 -6.92 1.70
CA PHE A 13 -2.05 -5.94 0.85
C PHE A 13 -0.90 -5.28 1.60
N LYS A 14 0.26 -5.24 0.96
CA LYS A 14 1.45 -4.63 1.56
C LYS A 14 1.94 -3.45 0.73
N CYS A 15 2.55 -2.48 1.39
CA CYS A 15 3.07 -1.30 0.71
C CYS A 15 4.46 -1.56 0.14
N ASN A 16 4.99 -0.58 -0.57
CA ASN A 16 6.32 -0.71 -1.18
C ASN A 16 7.34 0.14 -0.41
N LYS A 17 7.05 1.43 -0.27
CA LYS A 17 7.94 2.34 0.44
C LYS A 17 8.13 1.90 1.89
N CYS A 18 7.09 2.10 2.70
CA CYS A 18 7.15 1.72 4.10
C CYS A 18 7.13 0.20 4.26
N GLU A 19 6.39 -0.47 3.38
CA GLU A 19 6.30 -1.93 3.43
C GLU A 19 5.46 -2.39 4.62
N LYS A 20 4.33 -1.72 4.83
CA LYS A 20 3.44 -2.05 5.93
C LYS A 20 2.21 -2.80 5.43
N THR A 21 1.69 -3.71 6.26
CA THR A 21 0.52 -4.48 5.90
C THR A 21 -0.75 -3.86 6.46
N PHE A 22 -1.84 -3.95 5.71
CA PHE A 22 -3.11 -3.40 6.13
C PHE A 22 -4.20 -4.45 6.10
N SER A 23 -5.37 -4.11 6.64
CA SER A 23 -6.50 -5.04 6.68
C SER A 23 -7.33 -4.93 5.41
N CYS A 24 -7.79 -3.72 5.11
CA CYS A 24 -8.61 -3.48 3.92
C CYS A 24 -7.81 -2.73 2.86
N SER A 25 -8.42 -2.54 1.69
CA SER A 25 -7.76 -1.85 0.58
C SER A 25 -7.92 -0.34 0.72
N LYS A 26 -9.09 0.08 1.19
CA LYS A 26 -9.39 1.50 1.36
C LYS A 26 -8.36 2.15 2.28
N TYR A 27 -7.71 1.34 3.10
CA TYR A 27 -6.70 1.84 4.03
C TYR A 27 -5.34 1.95 3.36
N LEU A 28 -5.04 1.01 2.47
CA LEU A 28 -3.77 1.01 1.76
C LEU A 28 -3.77 2.05 0.64
N THR A 29 -4.91 2.19 -0.04
CA THR A 29 -5.04 3.16 -1.12
C THR A 29 -4.74 4.57 -0.64
N GLN A 30 -5.59 5.09 0.24
CA GLN A 30 -5.40 6.43 0.78
C GLN A 30 -4.03 6.58 1.42
N HIS A 31 -3.59 5.54 2.12
CA HIS A 31 -2.29 5.56 2.78
C HIS A 31 -1.17 5.80 1.78
N GLU A 32 -1.15 4.98 0.72
CA GLU A 32 -0.13 5.11 -0.31
C GLU A 32 0.16 6.57 -0.62
N ARG A 33 -0.82 7.43 -0.37
CA ARG A 33 -0.68 8.86 -0.62
C ARG A 33 0.47 9.44 0.19
N ILE A 34 0.51 9.11 1.47
CA ILE A 34 1.57 9.60 2.36
C ILE A 34 2.91 9.63 1.65
N HIS A 35 3.07 8.76 0.64
CA HIS A 35 4.30 8.68 -0.12
C HIS A 35 4.19 9.48 -1.42
N THR A 36 4.44 10.78 -1.34
CA THR A 36 4.36 11.65 -2.51
C THR A 36 5.35 12.80 -2.41
N ARG A 37 5.40 13.62 -3.44
CA ARG A 37 6.31 14.77 -3.47
C ARG A 37 7.76 14.32 -3.27
N GLY A 38 8.17 13.32 -4.04
CA GLY A 38 9.53 12.81 -3.94
C GLY A 38 10.54 13.73 -4.60
N VAL A 39 11.82 13.51 -4.30
CA VAL A 39 12.88 14.32 -4.87
C VAL A 39 13.02 14.08 -6.37
N LYS A 40 12.46 12.97 -6.84
CA LYS A 40 12.52 12.62 -8.25
C LYS A 40 11.13 12.65 -8.88
N SER A 41 10.69 13.83 -9.29
CA SER A 41 9.38 13.99 -9.90
C SER A 41 9.49 13.99 -11.41
N GLY A 42 10.38 14.82 -11.94
CA GLY A 42 10.55 14.90 -13.38
C GLY A 42 10.74 16.32 -13.87
N PRO A 43 11.55 16.50 -14.92
CA PRO A 43 11.81 17.82 -15.50
C PRO A 43 10.60 18.39 -16.23
N SER A 44 9.61 17.55 -16.46
CA SER A 44 8.39 17.97 -17.15
C SER A 44 7.33 18.43 -16.15
N SER A 45 6.22 18.93 -16.67
CA SER A 45 5.13 19.41 -15.83
C SER A 45 4.89 18.46 -14.65
N GLY A 46 5.14 18.95 -13.44
CA GLY A 46 4.95 18.14 -12.25
C GLY A 46 5.77 18.62 -11.08
ZN ZN B . 3.38 3.01 2.69
N GLY A 1 1.31 -32.53 -10.84
CA GLY A 1 0.05 -33.16 -10.50
C GLY A 1 -0.81 -32.29 -9.61
N SER A 2 -0.84 -30.99 -9.90
CA SER A 2 -1.64 -30.05 -9.11
C SER A 2 -3.06 -29.95 -9.66
N SER A 3 -3.95 -29.39 -8.84
CA SER A 3 -5.35 -29.24 -9.23
C SER A 3 -5.61 -27.82 -9.74
N GLY A 4 -6.52 -27.71 -10.71
CA GLY A 4 -6.86 -26.41 -11.25
C GLY A 4 -7.86 -25.66 -10.41
N SER A 5 -7.37 -25.01 -9.35
CA SER A 5 -8.22 -24.25 -8.45
C SER A 5 -7.50 -23.02 -7.93
N SER A 6 -8.26 -21.95 -7.69
CA SER A 6 -7.68 -20.70 -7.18
C SER A 6 -6.66 -20.98 -6.09
N GLY A 7 -5.50 -20.35 -6.21
CA GLY A 7 -4.45 -20.53 -5.22
C GLY A 7 -4.31 -19.34 -4.29
N GLN A 8 -5.44 -18.77 -3.91
CA GLN A 8 -5.44 -17.61 -3.01
C GLN A 8 -6.64 -17.64 -2.07
N LYS A 9 -6.37 -17.69 -0.78
CA LYS A 9 -7.42 -17.72 0.23
C LYS A 9 -7.54 -16.37 0.94
N GLU A 10 -6.47 -15.97 1.62
CA GLU A 10 -6.46 -14.70 2.34
C GLU A 10 -5.58 -13.69 1.63
N LYS A 11 -6.18 -12.55 1.26
CA LYS A 11 -5.44 -11.49 0.58
C LYS A 11 -4.99 -10.42 1.56
N CYS A 12 -3.74 -9.99 1.42
CA CYS A 12 -3.17 -8.98 2.29
C CYS A 12 -2.63 -7.80 1.49
N PHE A 13 -3.27 -6.64 1.65
CA PHE A 13 -2.85 -5.44 0.93
C PHE A 13 -1.66 -4.77 1.62
N LYS A 14 -0.47 -5.01 1.08
CA LYS A 14 0.74 -4.44 1.66
C LYS A 14 1.24 -3.27 0.80
N CYS A 15 1.83 -2.28 1.46
CA CYS A 15 2.35 -1.10 0.75
C CYS A 15 3.64 -1.44 0.01
N ASN A 16 4.19 -0.45 -0.68
CA ASN A 16 5.43 -0.64 -1.42
C ASN A 16 6.60 0.07 -0.74
N LYS A 17 6.48 1.38 -0.59
CA LYS A 17 7.53 2.17 0.06
C LYS A 17 7.84 1.64 1.45
N CYS A 18 6.87 1.77 2.35
CA CYS A 18 7.03 1.30 3.72
C CYS A 18 6.86 -0.21 3.81
N GLU A 19 5.97 -0.75 2.96
CA GLU A 19 5.71 -2.19 2.95
C GLU A 19 4.99 -2.63 4.22
N LYS A 20 3.97 -1.87 4.61
CA LYS A 20 3.20 -2.18 5.80
C LYS A 20 1.87 -2.85 5.43
N THR A 21 1.47 -3.84 6.22
CA THR A 21 0.22 -4.55 5.98
C THR A 21 -0.96 -3.83 6.63
N PHE A 22 -2.07 -3.76 5.90
CA PHE A 22 -3.26 -3.09 6.40
C PHE A 22 -4.44 -4.05 6.42
N SER A 23 -5.57 -3.59 6.97
CA SER A 23 -6.77 -4.42 7.05
C SER A 23 -7.50 -4.44 5.71
N CYS A 24 -7.85 -3.27 5.21
CA CYS A 24 -8.55 -3.14 3.94
C CYS A 24 -7.69 -2.43 2.90
N SER A 25 -7.99 -2.65 1.63
CA SER A 25 -7.25 -2.03 0.54
C SER A 25 -7.45 -0.51 0.55
N LYS A 26 -8.65 -0.08 0.92
CA LYS A 26 -8.96 1.34 0.97
C LYS A 26 -7.93 2.11 1.78
N TYR A 27 -7.77 1.74 3.04
CA TYR A 27 -6.80 2.38 3.91
C TYR A 27 -5.43 2.44 3.26
N LEU A 28 -5.04 1.35 2.60
CA LEU A 28 -3.75 1.27 1.93
C LEU A 28 -3.66 2.28 0.80
N THR A 29 -4.67 2.29 -0.06
CA THR A 29 -4.71 3.21 -1.19
C THR A 29 -4.40 4.64 -0.75
N GLN A 30 -5.28 5.17 0.10
CA GLN A 30 -5.10 6.53 0.60
C GLN A 30 -3.75 6.69 1.29
N HIS A 31 -3.43 5.74 2.17
CA HIS A 31 -2.17 5.78 2.91
C HIS A 31 -0.99 6.00 1.95
N GLU A 32 -0.85 5.11 0.98
CA GLU A 32 0.23 5.21 0.01
C GLU A 32 0.55 6.67 -0.30
N ARG A 33 -0.48 7.51 -0.28
CA ARG A 33 -0.31 8.92 -0.56
C ARG A 33 0.80 9.52 0.30
N ILE A 34 0.73 9.28 1.60
CA ILE A 34 1.73 9.79 2.53
C ILE A 34 3.12 9.83 1.89
N HIS A 35 3.37 8.87 1.01
CA HIS A 35 4.66 8.79 0.32
C HIS A 35 4.68 9.70 -0.89
N THR A 36 3.80 9.43 -1.85
CA THR A 36 3.71 10.23 -3.06
C THR A 36 3.34 11.67 -2.75
N ARG A 37 4.19 12.60 -3.15
CA ARG A 37 3.94 14.02 -2.91
C ARG A 37 3.11 14.63 -4.04
N GLY A 38 3.52 14.37 -5.27
CA GLY A 38 2.81 14.89 -6.43
C GLY A 38 2.79 16.40 -6.46
N VAL A 39 1.64 16.98 -6.76
CA VAL A 39 1.50 18.43 -6.81
C VAL A 39 2.78 19.08 -7.34
N LYS A 40 3.39 18.45 -8.34
CA LYS A 40 4.62 18.97 -8.93
C LYS A 40 4.34 20.22 -9.76
N SER A 41 5.28 21.16 -9.73
CA SER A 41 5.13 22.41 -10.49
C SER A 41 6.28 22.59 -11.46
N GLY A 42 6.02 22.33 -12.74
CA GLY A 42 7.04 22.46 -13.76
C GLY A 42 7.42 21.15 -14.39
N PRO A 43 8.48 21.16 -15.21
CA PRO A 43 8.96 19.96 -15.91
C PRO A 43 9.61 18.96 -14.94
N SER A 44 10.28 19.48 -13.92
CA SER A 44 10.94 18.64 -12.93
C SER A 44 12.03 17.79 -13.59
N SER A 45 12.79 18.40 -14.49
CA SER A 45 13.86 17.69 -15.19
C SER A 45 15.02 17.39 -14.25
N GLY A 46 15.66 16.24 -14.46
CA GLY A 46 16.78 15.85 -13.62
C GLY A 46 16.34 15.38 -12.26
ZN ZN B . 3.23 3.04 2.81
N GLY A 1 -14.69 -30.82 -14.97
CA GLY A 1 -14.85 -31.33 -13.61
C GLY A 1 -14.84 -30.22 -12.58
N SER A 2 -14.93 -30.60 -11.31
CA SER A 2 -14.94 -29.63 -10.22
C SER A 2 -13.92 -28.52 -10.48
N SER A 3 -14.24 -27.31 -10.01
CA SER A 3 -13.35 -26.17 -10.19
C SER A 3 -12.98 -25.55 -8.83
N GLY A 4 -11.70 -25.27 -8.65
CA GLY A 4 -11.24 -24.69 -7.41
C GLY A 4 -10.21 -23.58 -7.64
N SER A 5 -10.70 -22.37 -7.86
CA SER A 5 -9.83 -21.22 -8.10
C SER A 5 -9.44 -20.56 -6.78
N SER A 6 -8.61 -19.53 -6.87
CA SER A 6 -8.16 -18.80 -5.69
C SER A 6 -8.98 -17.53 -5.49
N GLY A 7 -10.10 -17.66 -4.78
CA GLY A 7 -10.96 -16.51 -4.54
C GLY A 7 -10.78 -15.96 -3.13
N GLN A 8 -11.64 -16.39 -2.21
CA GLN A 8 -11.57 -15.93 -0.83
C GLN A 8 -10.55 -16.72 -0.03
N LYS A 9 -9.38 -16.93 -0.62
CA LYS A 9 -8.32 -17.69 0.03
C LYS A 9 -7.72 -16.89 1.19
N GLU A 10 -7.44 -15.62 0.94
CA GLU A 10 -6.86 -14.75 1.96
C GLU A 10 -6.87 -13.29 1.51
N LYS A 11 -6.96 -12.38 2.47
CA LYS A 11 -6.99 -10.96 2.17
C LYS A 11 -5.85 -10.23 2.88
N CYS A 12 -5.00 -9.58 2.10
CA CYS A 12 -3.86 -8.85 2.66
C CYS A 12 -3.31 -7.85 1.65
N PHE A 13 -3.15 -6.60 2.09
CA PHE A 13 -2.65 -5.54 1.21
C PHE A 13 -1.47 -4.83 1.87
N LYS A 14 -0.29 -4.98 1.27
CA LYS A 14 0.92 -4.34 1.80
C LYS A 14 1.30 -3.13 0.96
N CYS A 15 2.21 -2.32 1.47
CA CYS A 15 2.68 -1.13 0.77
C CYS A 15 4.00 -1.39 0.07
N ASN A 16 4.49 -0.39 -0.65
CA ASN A 16 5.76 -0.51 -1.37
C ASN A 16 6.87 0.26 -0.65
N LYS A 17 6.69 1.57 -0.54
CA LYS A 17 7.67 2.42 0.12
C LYS A 17 7.95 1.92 1.54
N CYS A 18 6.97 2.09 2.42
CA CYS A 18 7.11 1.66 3.81
C CYS A 18 7.08 0.14 3.91
N GLU A 19 6.24 -0.49 3.09
CA GLU A 19 6.10 -1.94 3.08
C GLU A 19 5.34 -2.42 4.33
N LYS A 20 4.24 -1.74 4.64
CA LYS A 20 3.43 -2.10 5.79
C LYS A 20 2.21 -2.91 5.36
N THR A 21 1.82 -3.86 6.20
CA THR A 21 0.66 -4.70 5.91
C THR A 21 -0.62 -4.08 6.43
N PHE A 22 -1.67 -4.14 5.62
CA PHE A 22 -2.97 -3.57 6.00
C PHE A 22 -4.07 -4.61 5.88
N SER A 23 -5.21 -4.33 6.51
CA SER A 23 -6.34 -5.26 6.48
C SER A 23 -7.07 -5.17 5.14
N CYS A 24 -7.37 -3.95 4.71
CA CYS A 24 -8.07 -3.74 3.44
C CYS A 24 -7.26 -2.81 2.53
N SER A 25 -7.80 -2.55 1.34
CA SER A 25 -7.13 -1.69 0.38
C SER A 25 -7.50 -0.23 0.61
N LYS A 26 -8.77 0.03 0.87
CA LYS A 26 -9.25 1.38 1.11
C LYS A 26 -8.30 2.14 2.03
N TYR A 27 -7.56 1.40 2.84
CA TYR A 27 -6.61 2.00 3.78
C TYR A 27 -5.22 2.10 3.15
N LEU A 28 -4.91 1.16 2.26
CA LEU A 28 -3.62 1.14 1.59
C LEU A 28 -3.55 2.21 0.50
N THR A 29 -4.60 2.25 -0.33
CA THR A 29 -4.66 3.23 -1.41
C THR A 29 -4.39 4.64 -0.91
N GLN A 30 -5.31 5.15 -0.08
CA GLN A 30 -5.17 6.49 0.47
C GLN A 30 -3.86 6.63 1.24
N HIS A 31 -3.49 5.59 1.98
CA HIS A 31 -2.25 5.60 2.75
C HIS A 31 -1.06 5.93 1.86
N GLU A 32 -0.86 5.11 0.83
CA GLU A 32 0.25 5.32 -0.10
C GLU A 32 0.49 6.82 -0.35
N ARG A 33 -0.59 7.59 -0.27
CA ARG A 33 -0.50 9.03 -0.49
C ARG A 33 0.54 9.67 0.43
N ILE A 34 0.49 9.32 1.71
CA ILE A 34 1.42 9.85 2.68
C ILE A 34 2.84 9.94 2.11
N HIS A 35 3.12 9.09 1.12
CA HIS A 35 4.43 9.07 0.48
C HIS A 35 4.45 10.04 -0.71
N THR A 36 4.63 11.32 -0.41
CA THR A 36 4.68 12.34 -1.46
C THR A 36 5.47 13.56 -1.00
N ARG A 37 6.35 14.04 -1.87
CA ARG A 37 7.18 15.20 -1.56
C ARG A 37 6.93 16.33 -2.55
N GLY A 38 6.01 17.24 -2.19
CA GLY A 38 5.70 18.36 -3.06
C GLY A 38 5.20 17.91 -4.42
N VAL A 39 3.94 17.51 -4.49
CA VAL A 39 3.36 17.07 -5.75
C VAL A 39 1.82 17.11 -5.69
N LYS A 40 1.20 17.38 -6.83
CA LYS A 40 -0.26 17.44 -6.91
C LYS A 40 -0.83 18.20 -5.72
N SER A 41 -0.19 19.30 -5.36
CA SER A 41 -0.62 20.12 -4.24
C SER A 41 -2.06 20.58 -4.44
N GLY A 42 -2.67 21.13 -3.38
CA GLY A 42 -4.03 21.60 -3.47
C GLY A 42 -4.21 22.68 -4.53
N PRO A 43 -5.39 22.68 -5.17
CA PRO A 43 -5.71 23.66 -6.22
C PRO A 43 -5.88 25.07 -5.68
N SER A 44 -5.56 26.05 -6.49
CA SER A 44 -5.67 27.45 -6.09
C SER A 44 -6.49 28.25 -7.11
N SER A 45 -7.56 28.87 -6.64
CA SER A 45 -8.44 29.66 -7.51
C SER A 45 -7.98 31.11 -7.56
N GLY A 46 -8.04 31.70 -8.76
CA GLY A 46 -7.62 33.09 -8.92
C GLY A 46 -8.62 33.89 -9.73
ZN ZN B . 3.23 3.12 2.73
N GLY A 1 -6.43 -9.36 19.95
CA GLY A 1 -4.99 -9.41 20.08
C GLY A 1 -4.36 -10.52 19.28
N SER A 2 -4.88 -11.74 19.46
CA SER A 2 -4.36 -12.91 18.76
C SER A 2 -4.77 -12.88 17.28
N SER A 3 -6.07 -12.72 17.04
CA SER A 3 -6.60 -12.68 15.68
C SER A 3 -5.95 -13.76 14.83
N GLY A 4 -5.79 -14.96 15.40
CA GLY A 4 -5.19 -16.05 14.67
C GLY A 4 -6.09 -17.27 14.61
N SER A 5 -7.10 -17.22 13.74
CA SER A 5 -8.04 -18.32 13.60
C SER A 5 -7.79 -19.07 12.29
N SER A 6 -6.51 -19.25 11.95
CA SER A 6 -6.15 -19.95 10.72
C SER A 6 -6.68 -19.20 9.50
N GLY A 7 -6.59 -17.88 9.52
CA GLY A 7 -7.06 -17.08 8.41
C GLY A 7 -6.46 -17.51 7.09
N GLN A 8 -7.25 -18.23 6.29
CA GLN A 8 -6.79 -18.70 4.99
C GLN A 8 -7.14 -17.71 3.89
N LYS A 9 -8.39 -17.28 3.86
CA LYS A 9 -8.85 -16.33 2.86
C LYS A 9 -9.02 -14.94 3.46
N GLU A 10 -7.90 -14.24 3.65
CA GLU A 10 -7.93 -12.89 4.23
C GLU A 10 -7.16 -11.91 3.36
N LYS A 11 -7.83 -11.34 2.37
CA LYS A 11 -7.21 -10.38 1.46
C LYS A 11 -6.17 -9.54 2.19
N CYS A 12 -5.02 -9.37 1.56
CA CYS A 12 -3.93 -8.58 2.15
C CYS A 12 -3.39 -7.56 1.15
N PHE A 13 -2.80 -6.50 1.66
CA PHE A 13 -2.23 -5.45 0.81
C PHE A 13 -1.00 -4.83 1.46
N LYS A 14 0.16 -5.03 0.83
CA LYS A 14 1.41 -4.49 1.34
C LYS A 14 1.81 -3.24 0.58
N CYS A 15 2.52 -2.34 1.26
CA CYS A 15 2.96 -1.09 0.65
C CYS A 15 4.34 -1.27 0.00
N ASN A 16 4.84 -0.19 -0.61
CA ASN A 16 6.15 -0.22 -1.26
C ASN A 16 7.17 0.59 -0.47
N LYS A 17 6.92 1.90 -0.37
CA LYS A 17 7.82 2.78 0.35
C LYS A 17 8.09 2.26 1.75
N CYS A 18 7.06 2.23 2.60
CA CYS A 18 7.18 1.75 3.96
C CYS A 18 7.22 0.23 4.00
N GLU A 19 6.43 -0.40 3.13
CA GLU A 19 6.37 -1.86 3.06
C GLU A 19 5.59 -2.42 4.25
N LYS A 20 4.45 -1.80 4.54
CA LYS A 20 3.61 -2.25 5.65
C LYS A 20 2.38 -2.98 5.14
N THR A 21 2.00 -4.05 5.82
CA THR A 21 0.84 -4.84 5.42
C THR A 21 -0.44 -4.26 6.02
N PHE A 22 -1.51 -4.30 5.23
CA PHE A 22 -2.80 -3.77 5.68
C PHE A 22 -3.88 -4.86 5.62
N SER A 23 -5.10 -4.49 6.00
CA SER A 23 -6.21 -5.42 6.00
C SER A 23 -7.08 -5.23 4.76
N CYS A 24 -7.55 -4.00 4.54
CA CYS A 24 -8.38 -3.69 3.40
C CYS A 24 -7.59 -2.93 2.34
N SER A 25 -8.04 -3.00 1.10
CA SER A 25 -7.38 -2.32 -0.01
C SER A 25 -7.47 -0.80 0.14
N LYS A 26 -8.68 -0.32 0.40
CA LYS A 26 -8.92 1.10 0.57
C LYS A 26 -7.94 1.70 1.58
N TYR A 27 -7.89 1.11 2.77
CA TYR A 27 -7.01 1.59 3.82
C TYR A 27 -5.62 1.87 3.27
N LEU A 28 -5.11 0.94 2.46
CA LEU A 28 -3.79 1.09 1.86
C LEU A 28 -3.79 2.19 0.80
N THR A 29 -4.59 1.99 -0.24
CA THR A 29 -4.68 2.97 -1.32
C THR A 29 -4.51 4.39 -0.80
N GLN A 30 -5.38 4.78 0.12
CA GLN A 30 -5.33 6.12 0.70
C GLN A 30 -4.01 6.34 1.44
N HIS A 31 -3.56 5.32 2.16
CA HIS A 31 -2.32 5.39 2.92
C HIS A 31 -1.15 5.75 2.01
N GLU A 32 -0.99 4.98 0.93
CA GLU A 32 0.09 5.20 -0.01
C GLU A 32 0.32 6.70 -0.23
N ARG A 33 -0.74 7.49 -0.04
CA ARG A 33 -0.65 8.93 -0.21
C ARG A 33 0.41 9.53 0.70
N ILE A 34 0.38 9.13 1.97
CA ILE A 34 1.34 9.63 2.94
C ILE A 34 2.73 9.77 2.33
N HIS A 35 3.02 8.91 1.36
CA HIS A 35 4.31 8.94 0.69
C HIS A 35 4.29 9.89 -0.51
N THR A 36 3.52 10.98 -0.37
CA THR A 36 3.41 11.96 -1.44
C THR A 36 2.58 13.16 -0.99
N ARG A 37 2.69 14.26 -1.72
CA ARG A 37 1.94 15.47 -1.40
C ARG A 37 0.48 15.15 -1.11
N GLY A 38 0.14 15.08 0.18
CA GLY A 38 -1.22 14.78 0.57
C GLY A 38 -1.61 15.45 1.87
N VAL A 39 -1.58 14.70 2.96
CA VAL A 39 -1.94 15.22 4.27
C VAL A 39 -1.05 14.63 5.36
N LYS A 40 -0.80 15.42 6.40
CA LYS A 40 0.03 14.97 7.51
C LYS A 40 1.41 14.54 7.02
N SER A 41 2.01 15.36 6.18
CA SER A 41 3.33 15.06 5.63
C SER A 41 4.42 15.44 6.64
N GLY A 42 4.93 14.43 7.35
CA GLY A 42 5.97 14.67 8.33
C GLY A 42 7.36 14.53 7.73
N PRO A 43 8.30 15.34 8.24
CA PRO A 43 9.70 15.32 7.78
C PRO A 43 10.43 14.05 8.17
N SER A 44 9.75 13.19 8.93
CA SER A 44 10.35 11.93 9.38
C SER A 44 10.25 10.88 8.29
N SER A 45 10.72 11.23 7.09
CA SER A 45 10.69 10.30 5.96
C SER A 45 11.59 10.79 4.83
N GLY A 46 12.25 9.86 4.16
CA GLY A 46 13.13 10.22 3.06
C GLY A 46 12.38 10.51 1.78
ZN ZN B . 3.27 3.04 2.90
N GLY A 1 7.84 -19.08 -17.52
CA GLY A 1 7.37 -20.22 -16.77
C GLY A 1 8.49 -20.94 -16.04
N SER A 2 8.20 -21.42 -14.84
CA SER A 2 9.18 -22.13 -14.03
C SER A 2 8.54 -22.72 -12.78
N SER A 3 8.94 -23.95 -12.44
CA SER A 3 8.40 -24.63 -11.27
C SER A 3 8.19 -23.65 -10.12
N GLY A 4 6.94 -23.27 -9.91
CA GLY A 4 6.62 -22.33 -8.84
C GLY A 4 5.70 -22.94 -7.79
N SER A 5 5.80 -22.44 -6.57
CA SER A 5 4.97 -22.94 -5.48
C SER A 5 3.95 -21.89 -5.04
N SER A 6 2.70 -22.10 -5.45
CA SER A 6 1.63 -21.17 -5.11
C SER A 6 1.38 -21.14 -3.61
N GLY A 7 0.88 -20.02 -3.11
CA GLY A 7 0.61 -19.88 -1.69
C GLY A 7 -0.21 -18.65 -1.37
N GLN A 8 -1.31 -18.48 -2.08
CA GLN A 8 -2.18 -17.32 -1.87
C GLN A 8 -3.54 -17.76 -1.35
N LYS A 9 -3.82 -17.43 -0.09
CA LYS A 9 -5.09 -17.80 0.53
C LYS A 9 -5.81 -16.56 1.05
N GLU A 10 -5.12 -15.78 1.89
CA GLU A 10 -5.69 -14.57 2.46
C GLU A 10 -5.21 -13.33 1.70
N LYS A 11 -6.15 -12.64 1.07
CA LYS A 11 -5.83 -11.43 0.31
C LYS A 11 -5.31 -10.33 1.23
N CYS A 12 -3.99 -10.18 1.28
CA CYS A 12 -3.39 -9.16 2.14
C CYS A 12 -2.75 -8.06 1.28
N PHE A 13 -3.07 -6.81 1.60
CA PHE A 13 -2.53 -5.68 0.86
C PHE A 13 -1.36 -5.05 1.61
N LYS A 14 -0.16 -5.23 1.08
CA LYS A 14 1.04 -4.69 1.69
C LYS A 14 1.68 -3.62 0.80
N CYS A 15 2.14 -2.54 1.42
CA CYS A 15 2.77 -1.44 0.68
C CYS A 15 4.14 -1.86 0.15
N ASN A 16 4.76 -0.96 -0.59
CA ASN A 16 6.08 -1.23 -1.16
C ASN A 16 7.17 -0.42 -0.47
N LYS A 17 7.02 0.90 -0.52
CA LYS A 17 7.98 1.80 0.12
C LYS A 17 8.15 1.46 1.59
N CYS A 18 7.09 1.67 2.36
CA CYS A 18 7.11 1.38 3.79
C CYS A 18 7.01 -0.11 4.06
N GLU A 19 6.22 -0.80 3.23
CA GLU A 19 6.04 -2.24 3.37
C GLU A 19 5.20 -2.56 4.60
N LYS A 20 4.13 -1.81 4.79
CA LYS A 20 3.23 -2.01 5.93
C LYS A 20 1.97 -2.76 5.50
N THR A 21 1.55 -3.71 6.33
CA THR A 21 0.36 -4.50 6.05
C THR A 21 -0.91 -3.78 6.51
N PHE A 22 -1.98 -3.90 5.73
CA PHE A 22 -3.24 -3.26 6.06
C PHE A 22 -4.37 -4.28 6.08
N SER A 23 -5.53 -3.86 6.58
CA SER A 23 -6.70 -4.74 6.66
C SER A 23 -7.60 -4.55 5.45
N CYS A 24 -7.90 -3.30 5.13
CA CYS A 24 -8.76 -2.98 3.99
C CYS A 24 -7.98 -2.24 2.91
N SER A 25 -8.56 -2.15 1.72
CA SER A 25 -7.92 -1.48 0.60
C SER A 25 -8.06 0.03 0.72
N LYS A 26 -9.28 0.49 0.96
CA LYS A 26 -9.56 1.92 1.10
C LYS A 26 -8.59 2.57 2.08
N TYR A 27 -8.10 1.78 3.03
CA TYR A 27 -7.16 2.28 4.03
C TYR A 27 -5.76 2.40 3.44
N LEU A 28 -5.39 1.43 2.60
CA LEU A 28 -4.08 1.42 1.97
C LEU A 28 -3.99 2.48 0.87
N THR A 29 -5.09 2.64 0.13
CA THR A 29 -5.14 3.62 -0.96
C THR A 29 -4.75 5.01 -0.47
N GLN A 30 -5.53 5.53 0.47
CA GLN A 30 -5.28 6.85 1.03
C GLN A 30 -3.87 6.93 1.61
N HIS A 31 -3.47 5.88 2.31
CA HIS A 31 -2.15 5.83 2.93
C HIS A 31 -1.06 6.00 1.88
N GLU A 32 -1.10 5.18 0.84
CA GLU A 32 -0.12 5.25 -0.23
C GLU A 32 0.26 6.70 -0.54
N ARG A 33 -0.69 7.60 -0.32
CA ARG A 33 -0.47 9.02 -0.57
C ARG A 33 0.75 9.52 0.20
N ILE A 34 0.82 9.19 1.49
CA ILE A 34 1.92 9.60 2.33
C ILE A 34 3.23 9.64 1.55
N HIS A 35 3.35 8.75 0.57
CA HIS A 35 4.56 8.70 -0.25
C HIS A 35 4.44 9.63 -1.46
N THR A 36 4.57 10.92 -1.20
CA THR A 36 4.47 11.92 -2.26
C THR A 36 5.42 13.08 -2.00
N ARG A 37 5.95 13.66 -3.08
CA ARG A 37 6.87 14.79 -2.97
C ARG A 37 6.71 15.73 -4.15
N GLY A 38 7.09 17.00 -3.95
CA GLY A 38 6.98 17.98 -5.01
C GLY A 38 6.56 19.35 -4.49
N VAL A 39 7.41 19.95 -3.68
CA VAL A 39 7.13 21.26 -3.11
C VAL A 39 8.09 22.32 -3.64
N LYS A 40 7.55 23.30 -4.35
CA LYS A 40 8.37 24.38 -4.91
C LYS A 40 7.49 25.56 -5.34
N SER A 41 7.97 26.76 -5.08
CA SER A 41 7.22 27.97 -5.44
C SER A 41 6.66 27.86 -6.85
N GLY A 42 7.53 28.01 -7.84
CA GLY A 42 7.09 27.91 -9.23
C GLY A 42 6.22 26.72 -9.49
N PRO A 43 5.54 26.72 -10.64
CA PRO A 43 4.65 25.62 -11.03
C PRO A 43 5.41 24.34 -11.37
N SER A 44 6.48 24.47 -12.13
CA SER A 44 7.30 23.34 -12.53
C SER A 44 6.42 22.18 -13.00
N SER A 45 5.39 22.51 -13.78
CA SER A 45 4.46 21.50 -14.30
C SER A 45 3.89 21.94 -15.63
N GLY A 46 3.58 20.95 -16.49
CA GLY A 46 3.03 21.25 -17.80
C GLY A 46 1.52 21.40 -17.76
ZN ZN B . 3.30 2.94 2.44
N GLY A 1 -2.85 -29.50 -17.65
CA GLY A 1 -3.69 -29.76 -16.48
C GLY A 1 -4.59 -28.59 -16.14
N SER A 2 -5.80 -28.62 -16.69
CA SER A 2 -6.77 -27.54 -16.45
C SER A 2 -7.48 -27.76 -15.12
N SER A 3 -6.72 -28.08 -14.09
CA SER A 3 -7.28 -28.31 -12.75
C SER A 3 -6.67 -27.37 -11.73
N GLY A 4 -7.27 -26.19 -11.56
CA GLY A 4 -6.76 -25.22 -10.61
C GLY A 4 -7.65 -24.00 -10.50
N SER A 5 -8.96 -24.23 -10.47
CA SER A 5 -9.92 -23.13 -10.37
C SER A 5 -9.59 -22.22 -9.20
N SER A 6 -9.28 -20.96 -9.51
CA SER A 6 -8.94 -19.98 -8.48
C SER A 6 -10.04 -18.94 -8.33
N GLY A 7 -9.95 -18.14 -7.27
CA GLY A 7 -10.94 -17.11 -7.04
C GLY A 7 -10.41 -15.97 -6.18
N GLN A 8 -10.31 -16.21 -4.88
CA GLN A 8 -9.82 -15.20 -3.95
C GLN A 8 -8.35 -15.43 -3.62
N LYS A 9 -7.70 -14.42 -3.06
CA LYS A 9 -6.29 -14.51 -2.70
C LYS A 9 -6.00 -13.73 -1.43
N GLU A 10 -4.77 -13.81 -0.96
CA GLU A 10 -4.36 -13.11 0.25
C GLU A 10 -5.08 -11.76 0.38
N LYS A 11 -5.87 -11.61 1.43
CA LYS A 11 -6.61 -10.37 1.66
C LYS A 11 -5.68 -9.25 2.08
N CYS A 12 -4.76 -9.56 2.99
CA CYS A 12 -3.81 -8.58 3.49
C CYS A 12 -3.32 -7.69 2.35
N PHE A 13 -3.25 -6.38 2.60
CA PHE A 13 -2.79 -5.43 1.60
C PHE A 13 -1.49 -4.76 2.03
N LYS A 14 -0.38 -5.30 1.54
CA LYS A 14 0.94 -4.77 1.88
C LYS A 14 1.28 -3.58 0.99
N CYS A 15 1.99 -2.61 1.57
CA CYS A 15 2.39 -1.42 0.82
C CYS A 15 3.69 -1.66 0.05
N ASN A 16 4.16 -0.63 -0.64
CA ASN A 16 5.38 -0.72 -1.41
C ASN A 16 6.53 0.03 -0.73
N LYS A 17 6.37 1.34 -0.61
CA LYS A 17 7.39 2.17 0.03
C LYS A 17 7.73 1.65 1.42
N CYS A 18 6.78 1.79 2.34
CA CYS A 18 6.98 1.34 3.71
C CYS A 18 6.86 -0.18 3.80
N GLU A 19 5.98 -0.74 2.98
CA GLU A 19 5.77 -2.18 2.97
C GLU A 19 5.09 -2.65 4.25
N LYS A 20 4.06 -1.93 4.66
CA LYS A 20 3.31 -2.27 5.88
C LYS A 20 1.96 -2.87 5.54
N THR A 21 1.70 -4.05 6.09
CA THR A 21 0.43 -4.74 5.85
C THR A 21 -0.73 -3.98 6.45
N PHE A 22 -1.91 -4.15 5.87
CA PHE A 22 -3.11 -3.48 6.35
C PHE A 22 -4.29 -4.45 6.42
N SER A 23 -5.41 -3.97 6.95
CA SER A 23 -6.60 -4.79 7.08
C SER A 23 -7.53 -4.61 5.88
N CYS A 24 -7.72 -3.35 5.48
CA CYS A 24 -8.58 -3.04 4.35
C CYS A 24 -7.78 -2.38 3.23
N SER A 25 -8.12 -2.71 1.99
CA SER A 25 -7.43 -2.17 0.82
C SER A 25 -7.60 -0.65 0.75
N LYS A 26 -8.85 -0.20 0.81
CA LYS A 26 -9.14 1.23 0.76
C LYS A 26 -8.18 2.02 1.65
N TYR A 27 -7.96 1.53 2.86
CA TYR A 27 -7.06 2.19 3.80
C TYR A 27 -5.66 2.32 3.21
N LEU A 28 -5.18 1.25 2.59
CA LEU A 28 -3.86 1.25 1.97
C LEU A 28 -3.78 2.25 0.82
N THR A 29 -4.63 2.06 -0.18
CA THR A 29 -4.66 2.94 -1.33
C THR A 29 -4.42 4.40 -0.93
N GLN A 30 -5.30 4.92 -0.07
CA GLN A 30 -5.18 6.29 0.39
C GLN A 30 -3.86 6.51 1.14
N HIS A 31 -3.48 5.52 1.95
CA HIS A 31 -2.23 5.60 2.71
C HIS A 31 -1.04 5.84 1.78
N GLU A 32 -0.88 4.96 0.79
CA GLU A 32 0.22 5.08 -0.16
C GLU A 32 0.55 6.54 -0.43
N ARG A 33 -0.49 7.38 -0.50
CA ARG A 33 -0.30 8.80 -0.75
C ARG A 33 0.80 9.37 0.12
N ILE A 34 0.72 9.10 1.42
CA ILE A 34 1.71 9.58 2.37
C ILE A 34 3.11 9.60 1.75
N HIS A 35 3.35 8.66 0.83
CA HIS A 35 4.64 8.56 0.16
C HIS A 35 4.70 9.49 -1.04
N THR A 36 4.21 10.71 -0.87
CA THR A 36 4.20 11.69 -1.94
C THR A 36 5.35 12.69 -1.79
N ARG A 37 6.54 12.16 -1.49
CA ARG A 37 7.72 13.00 -1.32
C ARG A 37 8.12 13.64 -2.64
N GLY A 38 7.87 14.95 -2.76
CA GLY A 38 8.22 15.65 -3.97
C GLY A 38 9.70 15.97 -4.06
N VAL A 39 10.19 16.20 -5.27
CA VAL A 39 11.59 16.51 -5.49
C VAL A 39 11.83 18.02 -5.48
N LYS A 40 12.21 18.55 -4.34
CA LYS A 40 12.48 19.97 -4.19
C LYS A 40 13.31 20.26 -2.94
N SER A 41 14.41 20.98 -3.13
CA SER A 41 15.29 21.32 -2.01
C SER A 41 15.24 22.81 -1.71
N GLY A 42 15.51 23.17 -0.46
CA GLY A 42 15.49 24.58 -0.06
C GLY A 42 14.88 24.78 1.31
N PRO A 43 15.47 25.71 2.08
CA PRO A 43 15.00 26.01 3.44
C PRO A 43 13.66 26.73 3.43
N SER A 44 13.14 27.01 4.63
CA SER A 44 11.86 27.70 4.76
C SER A 44 12.06 29.19 4.99
N SER A 45 10.97 29.94 4.97
CA SER A 45 11.02 31.38 5.17
C SER A 45 11.80 31.73 6.43
N GLY A 46 12.60 32.79 6.35
CA GLY A 46 13.40 33.20 7.49
C GLY A 46 12.70 34.25 8.34
ZN ZN B . 3.20 2.83 2.64
N GLY A 1 -1.43 -17.75 2.42
CA GLY A 1 -1.73 -18.88 3.27
C GLY A 1 -2.46 -19.99 2.54
N SER A 2 -3.57 -19.64 1.90
CA SER A 2 -4.36 -20.62 1.16
C SER A 2 -4.79 -21.77 2.06
N SER A 3 -5.18 -21.43 3.28
CA SER A 3 -5.61 -22.45 4.24
C SER A 3 -6.96 -23.05 3.83
N GLY A 4 -7.97 -22.21 3.73
CA GLY A 4 -9.29 -22.68 3.34
C GLY A 4 -10.29 -21.56 3.20
N SER A 5 -11.26 -21.73 2.30
CA SER A 5 -12.28 -20.72 2.07
C SER A 5 -13.37 -20.78 3.14
N SER A 6 -14.28 -19.83 3.10
CA SER A 6 -15.37 -19.77 4.07
C SER A 6 -14.82 -19.86 5.50
N GLY A 7 -13.77 -19.10 5.79
CA GLY A 7 -13.17 -19.12 7.10
C GLY A 7 -12.35 -17.89 7.38
N GLN A 8 -11.19 -18.07 7.99
CA GLN A 8 -10.30 -16.96 8.31
C GLN A 8 -9.41 -16.61 7.13
N LYS A 9 -10.01 -16.59 5.93
CA LYS A 9 -9.28 -16.26 4.71
C LYS A 9 -9.57 -14.84 4.27
N GLU A 10 -8.51 -14.11 3.90
CA GLU A 10 -8.67 -12.73 3.46
C GLU A 10 -7.39 -12.24 2.76
N LYS A 11 -7.57 -11.47 1.70
CA LYS A 11 -6.44 -10.95 0.94
C LYS A 11 -5.81 -9.75 1.67
N CYS A 12 -4.49 -9.76 1.79
CA CYS A 12 -3.78 -8.68 2.46
C CYS A 12 -3.04 -7.81 1.45
N PHE A 13 -3.02 -6.50 1.68
CA PHE A 13 -2.36 -5.57 0.80
C PHE A 13 -1.17 -4.90 1.49
N LYS A 14 0.02 -5.10 0.95
CA LYS A 14 1.23 -4.52 1.53
C LYS A 14 1.67 -3.29 0.74
N CYS A 15 2.32 -2.36 1.43
CA CYS A 15 2.79 -1.13 0.79
C CYS A 15 4.13 -1.35 0.09
N ASN A 16 4.61 -0.33 -0.59
CA ASN A 16 5.88 -0.42 -1.31
C ASN A 16 6.96 0.39 -0.59
N LYS A 17 6.73 1.69 -0.45
CA LYS A 17 7.67 2.57 0.22
C LYS A 17 7.99 2.08 1.62
N CYS A 18 7.02 2.18 2.52
CA CYS A 18 7.19 1.73 3.90
C CYS A 18 7.16 0.21 3.99
N GLU A 19 6.37 -0.42 3.12
CA GLU A 19 6.26 -1.87 3.11
C GLU A 19 5.44 -2.37 4.30
N LYS A 20 4.34 -1.67 4.58
CA LYS A 20 3.48 -2.05 5.69
C LYS A 20 2.23 -2.76 5.19
N THR A 21 1.81 -3.80 5.91
CA THR A 21 0.63 -4.57 5.54
C THR A 21 -0.63 -3.99 6.17
N PHE A 22 -1.74 -4.05 5.44
CA PHE A 22 -3.01 -3.53 5.93
C PHE A 22 -4.10 -4.59 5.83
N SER A 23 -5.26 -4.29 6.39
CA SER A 23 -6.39 -5.21 6.37
C SER A 23 -6.99 -5.30 4.97
N CYS A 24 -7.28 -4.14 4.38
CA CYS A 24 -7.85 -4.09 3.04
C CYS A 24 -7.07 -3.12 2.15
N SER A 25 -7.52 -2.98 0.91
CA SER A 25 -6.86 -2.10 -0.04
C SER A 25 -7.12 -0.63 0.30
N LYS A 26 -8.39 -0.30 0.51
CA LYS A 26 -8.78 1.06 0.85
C LYS A 26 -7.77 1.69 1.82
N TYR A 27 -7.70 1.13 3.01
CA TYR A 27 -6.77 1.63 4.02
C TYR A 27 -5.39 1.88 3.44
N LEU A 28 -4.98 1.01 2.51
CA LEU A 28 -3.68 1.13 1.86
C LEU A 28 -3.70 2.21 0.79
N THR A 29 -4.39 1.94 -0.30
CA THR A 29 -4.49 2.90 -1.40
C THR A 29 -4.48 4.34 -0.88
N GLN A 30 -5.25 4.57 0.18
CA GLN A 30 -5.34 5.90 0.78
C GLN A 30 -4.05 6.26 1.49
N HIS A 31 -3.52 5.32 2.26
CA HIS A 31 -2.28 5.54 3.00
C HIS A 31 -1.13 5.87 2.05
N GLU A 32 -1.06 5.15 0.93
CA GLU A 32 -0.02 5.37 -0.06
C GLU A 32 0.17 6.86 -0.34
N ARG A 33 -0.85 7.65 -0.03
CA ARG A 33 -0.80 9.08 -0.25
C ARG A 33 0.27 9.72 0.63
N ILE A 34 0.37 9.27 1.88
CA ILE A 34 1.35 9.80 2.80
C ILE A 34 2.73 9.87 2.17
N HIS A 35 2.98 8.99 1.20
CA HIS A 35 4.26 8.96 0.51
C HIS A 35 4.28 9.93 -0.66
N THR A 36 3.30 9.80 -1.55
CA THR A 36 3.19 10.66 -2.71
C THR A 36 2.66 12.03 -2.33
N ARG A 37 3.56 12.92 -1.91
CA ARG A 37 3.18 14.27 -1.51
C ARG A 37 3.99 15.31 -2.28
N GLY A 38 5.30 15.31 -2.07
CA GLY A 38 6.17 16.25 -2.75
C GLY A 38 6.08 16.13 -4.26
N VAL A 39 6.14 14.90 -4.76
CA VAL A 39 6.07 14.65 -6.19
C VAL A 39 4.74 15.10 -6.77
N LYS A 40 4.79 15.89 -7.83
CA LYS A 40 3.59 16.39 -8.49
C LYS A 40 3.60 16.05 -9.97
N SER A 41 2.95 14.94 -10.33
CA SER A 41 2.88 14.51 -11.71
C SER A 41 1.46 14.65 -12.26
N GLY A 42 1.25 15.68 -13.09
CA GLY A 42 -0.05 15.90 -13.67
C GLY A 42 -0.82 17.00 -12.95
N PRO A 43 -1.75 17.65 -13.67
CA PRO A 43 -2.56 18.73 -13.10
C PRO A 43 -3.57 18.22 -12.09
N SER A 44 -4.16 17.07 -12.37
CA SER A 44 -5.15 16.46 -11.48
C SER A 44 -4.63 15.17 -10.87
N SER A 45 -4.77 15.04 -9.55
CA SER A 45 -4.30 13.85 -8.85
C SER A 45 -5.43 13.25 -8.00
N GLY A 46 -6.07 12.22 -8.53
CA GLY A 46 -7.15 11.57 -7.82
C GLY A 46 -8.07 12.56 -7.13
ZN ZN B . 3.30 3.18 2.85
N GLY A 1 6.38 -26.49 15.02
CA GLY A 1 5.29 -26.67 14.08
C GLY A 1 3.94 -26.36 14.69
N SER A 2 3.24 -25.38 14.13
CA SER A 2 1.93 -24.99 14.64
C SER A 2 1.00 -24.58 13.49
N SER A 3 -0.22 -25.08 13.52
CA SER A 3 -1.20 -24.77 12.49
C SER A 3 -2.62 -24.97 12.99
N GLY A 4 -3.57 -24.24 12.41
CA GLY A 4 -4.96 -24.35 12.83
C GLY A 4 -5.92 -24.01 11.71
N SER A 5 -6.90 -23.16 12.02
CA SER A 5 -7.89 -22.76 11.03
C SER A 5 -8.13 -21.25 11.08
N SER A 6 -7.38 -20.52 10.25
CA SER A 6 -7.49 -19.07 10.19
C SER A 6 -7.92 -18.61 8.81
N GLY A 7 -9.21 -18.69 8.53
CA GLY A 7 -9.73 -18.28 7.24
C GLY A 7 -9.11 -19.05 6.09
N GLN A 8 -9.74 -18.98 4.93
CA GLN A 8 -9.24 -19.69 3.75
C GLN A 8 -8.67 -18.71 2.74
N LYS A 9 -9.45 -17.69 2.40
CA LYS A 9 -9.02 -16.67 1.43
C LYS A 9 -7.71 -16.02 1.88
N GLU A 10 -6.74 -16.01 0.97
CA GLU A 10 -5.44 -15.41 1.26
C GLU A 10 -5.28 -14.07 0.56
N LYS A 11 -5.27 -12.99 1.32
CA LYS A 11 -5.13 -11.65 0.78
C LYS A 11 -4.74 -10.65 1.86
N CYS A 12 -3.67 -9.91 1.62
CA CYS A 12 -3.20 -8.91 2.58
C CYS A 12 -2.70 -7.65 1.86
N PHE A 13 -3.44 -6.56 2.02
CA PHE A 13 -3.08 -5.30 1.38
C PHE A 13 -1.81 -4.72 2.00
N LYS A 14 -0.68 -4.96 1.34
CA LYS A 14 0.60 -4.46 1.83
C LYS A 14 1.13 -3.34 0.93
N CYS A 15 1.88 -2.41 1.53
CA CYS A 15 2.43 -1.29 0.79
C CYS A 15 3.72 -1.69 0.08
N ASN A 16 4.32 -0.75 -0.64
CA ASN A 16 5.56 -1.01 -1.37
C ASN A 16 6.73 -0.26 -0.74
N LYS A 17 6.59 1.07 -0.63
CA LYS A 17 7.63 1.90 -0.04
C LYS A 17 7.93 1.47 1.39
N CYS A 18 6.97 1.68 2.28
CA CYS A 18 7.13 1.31 3.68
C CYS A 18 6.97 -0.20 3.87
N GLU A 19 6.08 -0.80 3.08
CA GLU A 19 5.83 -2.23 3.17
C GLU A 19 5.07 -2.58 4.44
N LYS A 20 4.04 -1.80 4.73
CA LYS A 20 3.23 -2.03 5.92
C LYS A 20 1.91 -2.70 5.56
N THR A 21 1.57 -3.76 6.29
CA THR A 21 0.34 -4.49 6.04
C THR A 21 -0.87 -3.76 6.60
N PHE A 22 -1.98 -3.79 5.87
CA PHE A 22 -3.20 -3.12 6.30
C PHE A 22 -4.36 -4.11 6.38
N SER A 23 -5.55 -3.59 6.67
CA SER A 23 -6.74 -4.42 6.79
C SER A 23 -7.56 -4.39 5.51
N CYS A 24 -7.94 -3.19 5.10
CA CYS A 24 -8.73 -3.00 3.88
C CYS A 24 -7.88 -2.39 2.77
N SER A 25 -8.46 -2.32 1.56
CA SER A 25 -7.75 -1.76 0.42
C SER A 25 -7.93 -0.25 0.35
N LYS A 26 -8.94 0.25 1.06
CA LYS A 26 -9.22 1.69 1.08
C LYS A 26 -8.26 2.41 2.02
N TYR A 27 -7.95 1.78 3.15
CA TYR A 27 -7.04 2.36 4.13
C TYR A 27 -5.62 2.45 3.57
N LEU A 28 -5.25 1.48 2.75
CA LEU A 28 -3.92 1.46 2.15
C LEU A 28 -3.83 2.45 1.00
N THR A 29 -4.81 2.42 0.11
CA THR A 29 -4.85 3.32 -1.03
C THR A 29 -4.49 4.74 -0.62
N GLN A 30 -5.30 5.32 0.26
CA GLN A 30 -5.07 6.68 0.74
C GLN A 30 -3.70 6.80 1.39
N HIS A 31 -3.37 5.86 2.26
CA HIS A 31 -2.09 5.85 2.96
C HIS A 31 -0.94 6.03 1.97
N GLU A 32 -0.88 5.16 0.97
CA GLU A 32 0.18 5.22 -0.04
C GLU A 32 0.51 6.67 -0.39
N ARG A 33 -0.51 7.53 -0.38
CA ARG A 33 -0.31 8.94 -0.70
C ARG A 33 0.84 9.52 0.10
N ILE A 34 0.84 9.26 1.40
CA ILE A 34 1.89 9.76 2.28
C ILE A 34 3.24 9.77 1.57
N HIS A 35 3.43 8.83 0.65
CA HIS A 35 4.68 8.72 -0.09
C HIS A 35 4.66 9.65 -1.31
N THR A 36 3.82 9.31 -2.29
CA THR A 36 3.71 10.11 -3.50
C THR A 36 2.83 11.34 -3.27
N ARG A 37 3.03 12.01 -2.15
CA ARG A 37 2.26 13.20 -1.81
C ARG A 37 2.72 14.39 -2.64
N GLY A 38 4.03 14.53 -2.79
CA GLY A 38 4.57 15.63 -3.56
C GLY A 38 4.40 15.44 -5.06
N VAL A 39 5.27 16.07 -5.84
CA VAL A 39 5.22 15.96 -7.29
C VAL A 39 6.28 15.00 -7.81
N LYS A 40 6.18 14.65 -9.09
CA LYS A 40 7.13 13.73 -9.71
C LYS A 40 8.52 13.91 -9.12
N SER A 41 9.26 12.81 -9.02
CA SER A 41 10.61 12.85 -8.46
C SER A 41 11.58 13.50 -9.45
N GLY A 42 11.65 14.83 -9.41
CA GLY A 42 12.54 15.56 -10.29
C GLY A 42 12.51 17.05 -10.03
N PRO A 43 12.98 17.46 -8.84
CA PRO A 43 13.01 18.88 -8.46
C PRO A 43 14.06 19.67 -9.25
N SER A 44 13.59 20.50 -10.16
CA SER A 44 14.47 21.31 -10.99
C SER A 44 15.49 20.44 -11.71
N SER A 45 15.01 19.38 -12.35
CA SER A 45 15.88 18.46 -13.08
C SER A 45 17.22 18.32 -12.38
N GLY A 46 17.19 18.17 -11.05
CA GLY A 46 18.41 18.02 -10.29
C GLY A 46 18.36 16.84 -9.33
ZN ZN B . 3.27 2.98 2.69
N GLY A 1 -13.83 -29.02 -5.81
CA GLY A 1 -13.91 -28.49 -7.17
C GLY A 1 -15.33 -28.36 -7.67
N SER A 2 -16.17 -27.68 -6.89
CA SER A 2 -17.56 -27.48 -7.26
C SER A 2 -17.98 -26.03 -7.06
N SER A 3 -18.96 -25.59 -7.84
CA SER A 3 -19.45 -24.23 -7.75
C SER A 3 -19.50 -23.76 -6.30
N GLY A 4 -19.29 -22.46 -6.09
CA GLY A 4 -19.31 -21.91 -4.74
C GLY A 4 -18.12 -21.02 -4.47
N SER A 5 -17.06 -21.60 -3.92
CA SER A 5 -15.85 -20.86 -3.60
C SER A 5 -16.11 -19.85 -2.49
N SER A 6 -16.86 -20.27 -1.48
CA SER A 6 -17.19 -19.41 -0.35
C SER A 6 -16.25 -19.65 0.82
N GLY A 7 -14.96 -19.79 0.51
CA GLY A 7 -13.97 -20.02 1.55
C GLY A 7 -13.17 -18.77 1.87
N GLN A 8 -12.00 -18.96 2.47
CA GLN A 8 -11.14 -17.84 2.84
C GLN A 8 -10.01 -17.66 1.82
N LYS A 9 -9.52 -16.44 1.70
CA LYS A 9 -8.44 -16.13 0.76
C LYS A 9 -7.20 -15.66 1.51
N GLU A 10 -7.40 -14.92 2.59
CA GLU A 10 -6.29 -14.40 3.40
C GLU A 10 -5.40 -13.50 2.56
N LYS A 11 -6.02 -12.63 1.78
CA LYS A 11 -5.28 -11.70 0.94
C LYS A 11 -5.01 -10.38 1.66
N CYS A 12 -3.74 -10.04 1.81
CA CYS A 12 -3.35 -8.81 2.49
C CYS A 12 -2.68 -7.84 1.53
N PHE A 13 -2.95 -6.56 1.70
CA PHE A 13 -2.38 -5.53 0.84
C PHE A 13 -1.16 -4.89 1.49
N LYS A 14 0.01 -5.15 0.93
CA LYS A 14 1.25 -4.60 1.46
C LYS A 14 1.74 -3.44 0.61
N CYS A 15 2.31 -2.43 1.26
CA CYS A 15 2.82 -1.25 0.56
C CYS A 15 4.19 -1.54 -0.04
N ASN A 16 4.45 -0.93 -1.20
CA ASN A 16 5.73 -1.11 -1.88
C ASN A 16 6.69 0.02 -1.55
N LYS A 17 6.48 0.65 -0.39
CA LYS A 17 7.33 1.74 0.05
C LYS A 17 7.69 1.59 1.52
N CYS A 18 6.67 1.51 2.37
CA CYS A 18 6.88 1.36 3.81
C CYS A 18 6.96 -0.12 4.19
N GLU A 19 6.31 -0.96 3.40
CA GLU A 19 6.30 -2.40 3.66
C GLU A 19 5.38 -2.74 4.82
N LYS A 20 4.24 -2.05 4.90
CA LYS A 20 3.27 -2.28 5.96
C LYS A 20 2.08 -3.07 5.45
N THR A 21 1.60 -4.01 6.27
CA THR A 21 0.46 -4.84 5.91
C THR A 21 -0.84 -4.26 6.45
N PHE A 22 -1.82 -4.08 5.58
CA PHE A 22 -3.11 -3.54 5.97
C PHE A 22 -4.21 -4.58 5.82
N SER A 23 -5.45 -4.19 6.15
CA SER A 23 -6.58 -5.09 6.06
C SER A 23 -7.41 -4.80 4.82
N CYS A 24 -7.88 -3.56 4.71
CA CYS A 24 -8.69 -3.15 3.57
C CYS A 24 -7.87 -2.30 2.60
N SER A 25 -8.31 -2.25 1.35
CA SER A 25 -7.62 -1.47 0.32
C SER A 25 -7.76 0.03 0.58
N LYS A 26 -8.99 0.47 0.79
CA LYS A 26 -9.26 1.88 1.04
C LYS A 26 -8.21 2.48 1.95
N TYR A 27 -7.97 1.83 3.09
CA TYR A 27 -6.98 2.29 4.04
C TYR A 27 -5.61 2.45 3.38
N LEU A 28 -5.25 1.50 2.54
CA LEU A 28 -3.97 1.53 1.84
C LEU A 28 -3.95 2.62 0.79
N THR A 29 -4.81 2.47 -0.22
CA THR A 29 -4.89 3.45 -1.30
C THR A 29 -4.63 4.87 -0.78
N GLN A 30 -5.47 5.32 0.14
CA GLN A 30 -5.34 6.65 0.71
C GLN A 30 -3.98 6.80 1.41
N HIS A 31 -3.59 5.78 2.15
CA HIS A 31 -2.32 5.79 2.87
C HIS A 31 -1.16 6.08 1.92
N GLU A 32 -1.04 5.29 0.86
CA GLU A 32 0.02 5.47 -0.11
C GLU A 32 0.36 6.94 -0.28
N ARG A 33 -0.67 7.79 -0.21
CA ARG A 33 -0.49 9.23 -0.36
C ARG A 33 0.65 9.73 0.52
N ILE A 34 0.60 9.37 1.80
CA ILE A 34 1.63 9.78 2.75
C ILE A 34 3.00 9.84 2.09
N HIS A 35 3.20 8.98 1.11
CA HIS A 35 4.48 8.93 0.40
C HIS A 35 4.49 9.93 -0.77
N THR A 36 3.56 9.75 -1.69
CA THR A 36 3.45 10.64 -2.85
C THR A 36 3.66 12.09 -2.45
N ARG A 37 3.08 12.47 -1.32
CA ARG A 37 3.19 13.85 -0.83
C ARG A 37 3.78 13.87 0.58
N GLY A 38 4.83 13.08 0.80
CA GLY A 38 5.46 13.02 2.10
C GLY A 38 6.25 14.27 2.41
N VAL A 39 6.12 14.76 3.65
CA VAL A 39 6.83 15.96 4.07
C VAL A 39 8.27 15.94 3.59
N LYS A 40 8.77 17.10 3.15
CA LYS A 40 10.13 17.22 2.67
C LYS A 40 10.93 18.20 3.51
N SER A 41 12.26 18.16 3.38
CA SER A 41 13.13 19.05 4.13
C SER A 41 13.89 19.98 3.21
N GLY A 42 14.42 19.42 2.12
CA GLY A 42 15.18 20.22 1.17
C GLY A 42 16.26 19.41 0.48
N PRO A 43 16.47 19.69 -0.82
CA PRO A 43 17.48 19.00 -1.62
C PRO A 43 18.90 19.37 -1.23
N SER A 44 19.02 20.38 -0.37
CA SER A 44 20.32 20.85 0.09
C SER A 44 20.64 20.28 1.47
N SER A 45 21.24 19.10 1.50
CA SER A 45 21.60 18.45 2.75
C SER A 45 23.10 18.56 3.02
N GLY A 46 23.48 19.56 3.81
CA GLY A 46 24.88 19.76 4.12
C GLY A 46 25.77 19.66 2.90
ZN ZN B . 3.18 3.03 2.46
N GLY A 1 11.05 -23.35 -1.62
CA GLY A 1 9.87 -23.49 -0.81
C GLY A 1 9.19 -22.17 -0.54
N SER A 2 9.82 -21.33 0.27
CA SER A 2 9.27 -20.03 0.61
C SER A 2 9.57 -19.00 -0.47
N SER A 3 9.44 -19.42 -1.73
CA SER A 3 9.70 -18.55 -2.86
C SER A 3 8.51 -17.63 -3.14
N GLY A 4 8.59 -16.40 -2.64
CA GLY A 4 7.51 -15.45 -2.84
C GLY A 4 6.83 -15.06 -1.55
N SER A 5 6.49 -16.07 -0.74
CA SER A 5 5.82 -15.83 0.54
C SER A 5 4.52 -15.05 0.34
N SER A 6 3.77 -15.43 -0.69
CA SER A 6 2.51 -14.78 -1.00
C SER A 6 1.61 -15.69 -1.83
N GLY A 7 0.48 -16.08 -1.25
CA GLY A 7 -0.45 -16.95 -1.95
C GLY A 7 -1.84 -16.35 -2.06
N GLN A 8 -2.66 -16.93 -2.92
CA GLN A 8 -4.02 -16.44 -3.12
C GLN A 8 -4.88 -16.70 -1.89
N LYS A 9 -4.75 -17.89 -1.31
CA LYS A 9 -5.50 -18.26 -0.13
C LYS A 9 -5.71 -17.05 0.78
N GLU A 10 -4.66 -16.27 0.97
CA GLU A 10 -4.74 -15.08 1.82
C GLU A 10 -4.52 -13.82 1.00
N LYS A 11 -5.44 -12.86 1.16
CA LYS A 11 -5.35 -11.60 0.44
C LYS A 11 -5.13 -10.43 1.40
N CYS A 12 -3.89 -9.95 1.44
CA CYS A 12 -3.54 -8.84 2.32
C CYS A 12 -2.87 -7.72 1.54
N PHE A 13 -3.44 -6.52 1.62
CA PHE A 13 -2.90 -5.37 0.91
C PHE A 13 -1.65 -4.83 1.62
N LYS A 14 -0.49 -5.14 1.06
CA LYS A 14 0.78 -4.69 1.63
C LYS A 14 1.37 -3.54 0.81
N CYS A 15 1.63 -2.43 1.48
CA CYS A 15 2.19 -1.26 0.82
C CYS A 15 3.47 -1.61 0.07
N ASN A 16 4.01 -0.66 -0.67
CA ASN A 16 5.24 -0.87 -1.43
C ASN A 16 6.40 -0.10 -0.82
N LYS A 17 6.19 1.17 -0.55
CA LYS A 17 7.22 2.02 0.02
C LYS A 17 7.62 1.52 1.41
N CYS A 18 6.70 1.63 2.36
CA CYS A 18 6.94 1.19 3.73
C CYS A 18 6.79 -0.33 3.84
N GLU A 19 5.86 -0.88 3.07
CA GLU A 19 5.60 -2.31 3.08
C GLU A 19 4.89 -2.72 4.36
N LYS A 20 3.90 -1.92 4.76
CA LYS A 20 3.12 -2.19 5.96
C LYS A 20 1.79 -2.85 5.61
N THR A 21 1.45 -3.90 6.36
CA THR A 21 0.20 -4.62 6.13
C THR A 21 -0.98 -3.90 6.78
N PHE A 22 -2.04 -3.69 6.00
CA PHE A 22 -3.23 -3.01 6.49
C PHE A 22 -4.42 -3.96 6.52
N SER A 23 -5.55 -3.46 7.01
CA SER A 23 -6.76 -4.27 7.10
C SER A 23 -7.52 -4.28 5.78
N CYS A 24 -7.83 -3.09 5.28
CA CYS A 24 -8.56 -2.96 4.02
C CYS A 24 -7.73 -2.19 3.00
N SER A 25 -8.27 -2.04 1.79
CA SER A 25 -7.58 -1.33 0.72
C SER A 25 -7.76 0.18 0.87
N LYS A 26 -9.01 0.60 0.99
CA LYS A 26 -9.33 2.02 1.14
C LYS A 26 -8.33 2.70 2.08
N TYR A 27 -8.01 2.03 3.17
CA TYR A 27 -7.06 2.58 4.14
C TYR A 27 -5.65 2.62 3.57
N LEU A 28 -5.30 1.61 2.78
CA LEU A 28 -3.98 1.53 2.16
C LEU A 28 -3.87 2.51 1.00
N THR A 29 -4.67 2.29 -0.03
CA THR A 29 -4.67 3.15 -1.21
C THR A 29 -4.37 4.60 -0.82
N GLN A 30 -5.21 5.17 0.03
CA GLN A 30 -5.04 6.55 0.48
C GLN A 30 -3.72 6.71 1.22
N HIS A 31 -3.38 5.73 2.04
CA HIS A 31 -2.13 5.76 2.81
C HIS A 31 -0.93 5.90 1.88
N GLU A 32 -0.79 4.96 0.95
CA GLU A 32 0.32 4.97 0.01
C GLU A 32 0.65 6.40 -0.42
N ARG A 33 -0.35 7.28 -0.36
CA ARG A 33 -0.16 8.67 -0.75
C ARG A 33 0.93 9.33 0.09
N ILE A 34 0.86 9.12 1.40
CA ILE A 34 1.84 9.69 2.32
C ILE A 34 3.24 9.64 1.73
N HIS A 35 3.46 8.69 0.82
CA HIS A 35 4.76 8.53 0.17
C HIS A 35 4.88 9.46 -1.04
N THR A 36 3.89 9.40 -1.93
CA THR A 36 3.89 10.22 -3.12
C THR A 36 3.92 11.71 -2.77
N ARG A 37 4.63 12.49 -3.59
CA ARG A 37 4.73 13.92 -3.35
C ARG A 37 3.55 14.67 -3.95
N GLY A 38 3.46 15.97 -3.67
CA GLY A 38 2.37 16.77 -4.20
C GLY A 38 2.30 16.74 -5.71
N VAL A 39 1.32 17.46 -6.26
CA VAL A 39 1.14 17.51 -7.71
C VAL A 39 1.89 18.70 -8.31
N LYS A 40 3.20 18.52 -8.54
CA LYS A 40 4.02 19.57 -9.12
C LYS A 40 5.27 18.98 -9.77
N SER A 41 5.86 19.75 -10.69
CA SER A 41 7.05 19.30 -11.39
C SER A 41 7.94 18.45 -10.48
N GLY A 42 7.98 17.15 -10.75
CA GLY A 42 8.79 16.25 -9.94
C GLY A 42 9.73 15.42 -10.78
N PRO A 43 10.90 16.00 -11.12
CA PRO A 43 11.92 15.32 -11.93
C PRO A 43 12.60 14.19 -11.17
N SER A 44 12.39 14.15 -9.86
CA SER A 44 12.99 13.12 -9.02
C SER A 44 12.34 11.77 -9.29
N SER A 45 12.87 11.05 -10.27
CA SER A 45 12.34 9.74 -10.64
C SER A 45 13.39 8.66 -10.43
N GLY A 46 14.12 8.74 -9.32
CA GLY A 46 15.14 7.76 -9.03
C GLY A 46 15.97 7.40 -10.26
ZN ZN B . 3.19 2.94 2.88
N GLY A 1 8.54 -12.15 -8.98
CA GLY A 1 7.69 -11.41 -8.07
C GLY A 1 6.64 -12.28 -7.40
N SER A 2 5.78 -12.88 -8.23
CA SER A 2 4.71 -13.73 -7.72
C SER A 2 5.13 -15.20 -7.78
N SER A 3 5.72 -15.69 -6.70
CA SER A 3 6.18 -17.08 -6.63
C SER A 3 5.48 -17.81 -5.48
N GLY A 4 4.31 -18.36 -5.76
CA GLY A 4 3.57 -19.08 -4.74
C GLY A 4 3.07 -20.44 -5.23
N SER A 5 3.37 -21.48 -4.47
CA SER A 5 2.95 -22.83 -4.84
C SER A 5 1.43 -22.97 -4.79
N SER A 6 0.85 -22.62 -3.64
CA SER A 6 -0.60 -22.70 -3.47
C SER A 6 -1.26 -21.37 -3.79
N GLY A 7 -2.59 -21.36 -3.78
CA GLY A 7 -3.33 -20.15 -4.08
C GLY A 7 -3.54 -19.28 -2.85
N GLN A 8 -3.89 -18.03 -3.07
CA GLN A 8 -4.12 -17.09 -1.97
C GLN A 8 -5.59 -17.06 -1.58
N LYS A 9 -5.88 -17.37 -0.32
CA LYS A 9 -7.25 -17.37 0.18
C LYS A 9 -7.58 -16.04 0.86
N GLU A 10 -6.77 -15.67 1.85
CA GLU A 10 -6.99 -14.43 2.58
C GLU A 10 -6.52 -13.23 1.76
N LYS A 11 -7.09 -12.06 2.04
CA LYS A 11 -6.74 -10.85 1.32
C LYS A 11 -5.83 -9.96 2.18
N CYS A 12 -4.64 -9.69 1.66
CA CYS A 12 -3.68 -8.86 2.38
C CYS A 12 -3.03 -7.84 1.44
N PHE A 13 -3.10 -6.58 1.80
CA PHE A 13 -2.51 -5.51 0.99
C PHE A 13 -1.27 -4.93 1.66
N LYS A 14 -0.12 -5.15 1.04
CA LYS A 14 1.14 -4.65 1.57
C LYS A 14 1.66 -3.47 0.74
N CYS A 15 2.12 -2.43 1.43
CA CYS A 15 2.64 -1.25 0.74
C CYS A 15 4.00 -1.54 0.11
N ASN A 16 4.50 -0.59 -0.67
CA ASN A 16 5.78 -0.75 -1.34
C ASN A 16 6.86 0.09 -0.65
N LYS A 17 6.59 1.39 -0.53
CA LYS A 17 7.53 2.30 0.10
C LYS A 17 7.85 1.85 1.52
N CYS A 18 6.88 1.98 2.41
CA CYS A 18 7.05 1.59 3.81
C CYS A 18 7.02 0.07 3.95
N GLU A 19 6.15 -0.58 3.18
CA GLU A 19 6.03 -2.02 3.21
C GLU A 19 5.29 -2.48 4.48
N LYS A 20 4.19 -1.80 4.79
CA LYS A 20 3.41 -2.12 5.97
C LYS A 20 2.12 -2.84 5.58
N THR A 21 1.77 -3.88 6.33
CA THR A 21 0.57 -4.65 6.07
C THR A 21 -0.67 -3.93 6.57
N PHE A 22 -1.74 -3.95 5.78
CA PHE A 22 -2.99 -3.30 6.15
C PHE A 22 -4.15 -4.28 6.13
N SER A 23 -5.32 -3.82 6.53
CA SER A 23 -6.52 -4.66 6.55
C SER A 23 -7.11 -4.81 5.15
N CYS A 24 -7.55 -3.70 4.58
CA CYS A 24 -8.14 -3.70 3.25
C CYS A 24 -7.35 -2.80 2.31
N SER A 25 -7.80 -2.73 1.06
CA SER A 25 -7.13 -1.92 0.04
C SER A 25 -7.31 -0.43 0.34
N LYS A 26 -8.55 -0.04 0.64
CA LYS A 26 -8.86 1.35 0.95
C LYS A 26 -7.76 1.97 1.81
N TYR A 27 -7.51 1.37 2.96
CA TYR A 27 -6.50 1.86 3.88
C TYR A 27 -5.16 2.05 3.16
N LEU A 28 -4.84 1.11 2.27
CA LEU A 28 -3.59 1.17 1.52
C LEU A 28 -3.63 2.29 0.49
N THR A 29 -4.80 2.50 -0.11
CA THR A 29 -4.97 3.55 -1.10
C THR A 29 -4.72 4.93 -0.50
N GLN A 30 -5.55 5.30 0.47
CA GLN A 30 -5.42 6.59 1.13
C GLN A 30 -4.05 6.74 1.77
N HIS A 31 -3.53 5.66 2.34
CA HIS A 31 -2.22 5.67 2.98
C HIS A 31 -1.12 5.98 1.97
N GLU A 32 -1.03 5.13 0.94
CA GLU A 32 -0.02 5.32 -0.10
C GLU A 32 0.26 6.79 -0.34
N ARG A 33 -0.78 7.62 -0.18
CA ARG A 33 -0.64 9.05 -0.39
C ARG A 33 0.52 9.61 0.41
N ILE A 34 0.55 9.28 1.70
CA ILE A 34 1.62 9.75 2.58
C ILE A 34 2.97 9.74 1.88
N HIS A 35 3.08 8.88 0.87
CA HIS A 35 4.33 8.76 0.11
C HIS A 35 4.30 9.67 -1.11
N THR A 36 4.64 10.94 -0.92
CA THR A 36 4.65 11.90 -2.00
C THR A 36 5.75 12.95 -1.80
N ARG A 37 6.52 13.20 -2.85
CA ARG A 37 7.60 14.17 -2.79
C ARG A 37 7.38 15.30 -3.77
N GLY A 38 7.43 16.54 -3.29
CA GLY A 38 7.23 17.69 -4.14
C GLY A 38 6.26 18.69 -3.55
N VAL A 39 5.76 19.59 -4.38
CA VAL A 39 4.82 20.61 -3.94
C VAL A 39 3.54 19.97 -3.41
N LYS A 40 2.96 20.58 -2.38
CA LYS A 40 1.73 20.07 -1.78
C LYS A 40 0.51 20.73 -2.41
N SER A 41 0.59 22.04 -2.62
CA SER A 41 -0.52 22.79 -3.21
C SER A 41 -0.14 23.28 -4.61
N GLY A 42 -0.80 22.71 -5.62
CA GLY A 42 -0.54 23.10 -6.99
C GLY A 42 -1.26 24.37 -7.38
N PRO A 43 -1.45 24.57 -8.69
CA PRO A 43 -2.14 25.76 -9.22
C PRO A 43 -3.63 25.75 -8.91
N SER A 44 -4.21 26.94 -8.81
CA SER A 44 -5.63 27.08 -8.51
C SER A 44 -6.48 26.97 -9.78
N SER A 45 -6.12 26.02 -10.64
CA SER A 45 -6.83 25.81 -11.89
C SER A 45 -8.12 25.01 -11.66
N GLY A 46 -7.98 23.85 -11.04
CA GLY A 46 -9.13 23.01 -10.78
C GLY A 46 -8.95 21.59 -11.29
ZN ZN B . 3.25 3.00 2.66
N GLY A 1 -3.93 -30.15 -18.22
CA GLY A 1 -5.08 -29.78 -17.43
C GLY A 1 -4.81 -28.61 -16.51
N SER A 2 -5.36 -28.67 -15.30
CA SER A 2 -5.18 -27.60 -14.32
C SER A 2 -3.78 -27.65 -13.72
N SER A 3 -3.17 -26.49 -13.56
CA SER A 3 -1.82 -26.40 -12.99
C SER A 3 -1.81 -26.90 -11.55
N GLY A 4 -2.81 -26.48 -10.77
CA GLY A 4 -2.89 -26.90 -9.39
C GLY A 4 -4.27 -26.68 -8.80
N SER A 5 -4.64 -27.53 -7.85
CA SER A 5 -5.95 -27.43 -7.21
C SER A 5 -6.15 -26.04 -6.61
N SER A 6 -7.40 -25.72 -6.25
CA SER A 6 -7.72 -24.43 -5.67
C SER A 6 -8.26 -24.60 -4.26
N GLY A 7 -7.51 -24.10 -3.27
CA GLY A 7 -7.93 -24.20 -1.89
C GLY A 7 -8.46 -22.89 -1.34
N GLN A 8 -7.84 -22.40 -0.28
CA GLN A 8 -8.25 -21.15 0.35
C GLN A 8 -7.15 -20.09 0.23
N LYS A 9 -7.56 -18.83 0.28
CA LYS A 9 -6.60 -17.73 0.18
C LYS A 9 -7.09 -16.51 0.98
N GLU A 10 -6.19 -15.91 1.74
CA GLU A 10 -6.52 -14.75 2.55
C GLU A 10 -6.27 -13.46 1.78
N LYS A 11 -7.08 -12.44 2.06
CA LYS A 11 -6.96 -11.16 1.39
C LYS A 11 -6.11 -10.20 2.22
N CYS A 12 -5.07 -9.64 1.59
CA CYS A 12 -4.18 -8.71 2.27
C CYS A 12 -3.51 -7.77 1.27
N PHE A 13 -2.81 -6.77 1.79
CA PHE A 13 -2.13 -5.81 0.94
C PHE A 13 -0.88 -5.24 1.64
N LYS A 14 0.20 -5.10 0.89
CA LYS A 14 1.45 -4.57 1.43
C LYS A 14 1.91 -3.36 0.64
N CYS A 15 2.25 -2.29 1.35
CA CYS A 15 2.72 -1.06 0.72
C CYS A 15 4.02 -1.31 -0.04
N ASN A 16 4.49 -0.27 -0.74
CA ASN A 16 5.72 -0.37 -1.50
C ASN A 16 6.86 0.38 -0.82
N LYS A 17 6.58 1.62 -0.41
CA LYS A 17 7.58 2.44 0.26
C LYS A 17 7.88 1.91 1.66
N CYS A 18 6.95 2.11 2.58
CA CYS A 18 7.12 1.65 3.95
C CYS A 18 7.10 0.12 4.02
N GLU A 19 6.32 -0.48 3.12
CA GLU A 19 6.22 -1.94 3.08
C GLU A 19 5.43 -2.46 4.28
N LYS A 20 4.33 -1.78 4.60
CA LYS A 20 3.49 -2.18 5.73
C LYS A 20 2.22 -2.87 5.25
N THR A 21 1.74 -3.83 6.03
CA THR A 21 0.54 -4.57 5.69
C THR A 21 -0.70 -3.89 6.25
N PHE A 22 -1.79 -3.90 5.47
CA PHE A 22 -3.04 -3.29 5.90
C PHE A 22 -4.17 -4.31 5.92
N SER A 23 -5.25 -3.98 6.61
CA SER A 23 -6.40 -4.88 6.72
C SER A 23 -7.35 -4.67 5.54
N CYS A 24 -7.68 -3.42 5.26
CA CYS A 24 -8.58 -3.09 4.16
C CYS A 24 -7.80 -2.60 2.95
N SER A 25 -8.49 -2.52 1.81
CA SER A 25 -7.86 -2.06 0.58
C SER A 25 -7.84 -0.54 0.50
N LYS A 26 -9.03 0.06 0.53
CA LYS A 26 -9.15 1.51 0.47
C LYS A 26 -8.29 2.18 1.53
N TYR A 27 -8.00 1.44 2.60
CA TYR A 27 -7.19 1.97 3.69
C TYR A 27 -5.74 2.18 3.24
N LEU A 28 -5.23 1.24 2.44
CA LEU A 28 -3.86 1.32 1.94
C LEU A 28 -3.73 2.40 0.88
N THR A 29 -4.51 2.27 -0.19
CA THR A 29 -4.48 3.24 -1.28
C THR A 29 -4.30 4.65 -0.75
N GLN A 30 -5.24 5.09 0.09
CA GLN A 30 -5.18 6.43 0.67
C GLN A 30 -3.88 6.64 1.42
N HIS A 31 -3.46 5.62 2.17
CA HIS A 31 -2.22 5.69 2.94
C HIS A 31 -1.02 5.93 2.03
N GLU A 32 -0.80 5.01 1.10
CA GLU A 32 0.31 5.12 0.17
C GLU A 32 0.58 6.58 -0.18
N ARG A 33 -0.47 7.38 -0.21
CA ARG A 33 -0.35 8.79 -0.54
C ARG A 33 0.71 9.47 0.33
N ILE A 34 0.61 9.26 1.64
CA ILE A 34 1.56 9.84 2.59
C ILE A 34 2.97 9.81 2.03
N HIS A 35 3.23 8.86 1.13
CA HIS A 35 4.55 8.72 0.51
C HIS A 35 4.65 9.56 -0.76
N THR A 36 4.89 10.86 -0.58
CA THR A 36 5.00 11.77 -1.71
C THR A 36 6.37 12.45 -1.73
N ARG A 37 7.33 11.81 -2.38
CA ARG A 37 8.68 12.37 -2.48
C ARG A 37 8.87 13.15 -3.77
N GLY A 38 9.55 14.28 -3.67
CA GLY A 38 9.79 15.12 -4.84
C GLY A 38 10.09 16.55 -4.48
N VAL A 39 11.26 16.78 -3.91
CA VAL A 39 11.68 18.12 -3.52
C VAL A 39 13.20 18.22 -3.43
N LYS A 40 13.76 19.21 -4.12
CA LYS A 40 15.20 19.41 -4.11
C LYS A 40 15.57 20.69 -3.36
N SER A 41 16.82 20.78 -2.94
CA SER A 41 17.30 21.95 -2.20
C SER A 41 16.24 22.44 -1.21
N GLY A 42 15.58 21.49 -0.54
CA GLY A 42 14.56 21.85 0.42
C GLY A 42 14.84 21.29 1.81
N PRO A 43 15.88 21.83 2.46
CA PRO A 43 16.28 21.39 3.80
C PRO A 43 15.26 21.80 4.87
N SER A 44 14.36 22.72 4.51
CA SER A 44 13.35 23.19 5.44
C SER A 44 12.35 22.08 5.76
N SER A 45 12.12 21.85 7.05
CA SER A 45 11.19 20.82 7.49
C SER A 45 10.64 21.15 8.88
N GLY A 46 9.38 21.56 8.92
CA GLY A 46 8.75 21.90 10.19
C GLY A 46 8.87 20.78 11.20
ZN ZN B . 3.19 3.06 2.95
N GLY A 1 8.97 -33.23 3.13
CA GLY A 1 8.51 -32.19 4.01
C GLY A 1 9.16 -30.85 3.73
N SER A 2 9.60 -30.17 4.78
CA SER A 2 10.25 -28.87 4.63
C SER A 2 9.29 -27.86 4.00
N SER A 3 8.04 -27.88 4.44
CA SER A 3 7.02 -26.97 3.92
C SER A 3 5.98 -26.66 4.99
N GLY A 4 5.27 -25.55 4.80
CA GLY A 4 4.25 -25.16 5.76
C GLY A 4 3.96 -23.67 5.72
N SER A 5 3.19 -23.24 4.72
CA SER A 5 2.85 -21.83 4.57
C SER A 5 1.84 -21.41 5.63
N SER A 6 2.34 -20.78 6.69
CA SER A 6 1.49 -20.32 7.79
C SER A 6 1.36 -18.80 7.77
N GLY A 7 0.16 -18.31 8.09
CA GLY A 7 -0.08 -16.88 8.10
C GLY A 7 -1.52 -16.53 7.80
N GLN A 8 -1.71 -15.51 6.97
CA GLN A 8 -3.06 -15.08 6.59
C GLN A 8 -3.39 -15.50 5.17
N LYS A 9 -4.59 -16.03 4.99
CA LYS A 9 -5.04 -16.47 3.67
C LYS A 9 -5.59 -15.29 2.86
N GLU A 10 -6.59 -14.61 3.41
CA GLU A 10 -7.19 -13.48 2.73
C GLU A 10 -6.14 -12.67 1.98
N LYS A 11 -6.50 -12.24 0.77
CA LYS A 11 -5.58 -11.46 -0.05
C LYS A 11 -5.12 -10.21 0.69
N CYS A 12 -3.90 -10.27 1.23
CA CYS A 12 -3.35 -9.15 1.97
C CYS A 12 -2.73 -8.12 1.03
N PHE A 13 -2.66 -6.87 1.48
CA PHE A 13 -2.10 -5.80 0.66
C PHE A 13 -0.90 -5.17 1.35
N LYS A 14 0.26 -5.23 0.69
CA LYS A 14 1.48 -4.66 1.24
C LYS A 14 1.87 -3.39 0.50
N CYS A 15 2.60 -2.51 1.18
CA CYS A 15 3.04 -1.26 0.58
C CYS A 15 4.44 -1.40 -0.01
N ASN A 16 4.68 -0.71 -1.11
CA ASN A 16 5.98 -0.75 -1.78
C ASN A 16 6.85 0.42 -1.35
N LYS A 17 6.57 0.96 -0.16
CA LYS A 17 7.33 2.09 0.36
C LYS A 17 7.71 1.85 1.82
N CYS A 18 6.70 1.67 2.67
CA CYS A 18 6.93 1.44 4.10
C CYS A 18 6.95 -0.06 4.40
N GLU A 19 6.24 -0.83 3.58
CA GLU A 19 6.18 -2.28 3.77
C GLU A 19 5.31 -2.63 4.97
N LYS A 20 4.20 -1.92 5.12
CA LYS A 20 3.28 -2.16 6.23
C LYS A 20 1.99 -2.79 5.73
N THR A 21 1.66 -3.95 6.29
CA THR A 21 0.44 -4.67 5.91
C THR A 21 -0.79 -4.05 6.56
N PHE A 22 -1.82 -3.81 5.75
CA PHE A 22 -3.06 -3.23 6.25
C PHE A 22 -4.19 -4.26 6.25
N SER A 23 -5.35 -3.85 6.74
CA SER A 23 -6.51 -4.74 6.79
C SER A 23 -7.30 -4.69 5.49
N CYS A 24 -7.78 -3.49 5.15
CA CYS A 24 -8.55 -3.31 3.93
C CYS A 24 -7.76 -2.51 2.90
N SER A 25 -8.33 -2.37 1.71
CA SER A 25 -7.67 -1.65 0.62
C SER A 25 -7.84 -0.14 0.80
N LYS A 26 -9.09 0.30 0.90
CA LYS A 26 -9.41 1.71 1.07
C LYS A 26 -8.42 2.37 2.03
N TYR A 27 -8.08 1.66 3.10
CA TYR A 27 -7.15 2.17 4.09
C TYR A 27 -5.76 2.34 3.50
N LEU A 28 -5.34 1.38 2.69
CA LEU A 28 -4.03 1.43 2.05
C LEU A 28 -4.01 2.46 0.93
N THR A 29 -4.93 2.31 -0.02
CA THR A 29 -5.02 3.22 -1.15
C THR A 29 -4.69 4.65 -0.73
N GLN A 30 -5.52 5.21 0.15
CA GLN A 30 -5.31 6.57 0.64
C GLN A 30 -3.94 6.71 1.30
N HIS A 31 -3.59 5.72 2.11
CA HIS A 31 -2.29 5.74 2.80
C HIS A 31 -1.15 5.97 1.83
N GLU A 32 -1.04 5.10 0.84
CA GLU A 32 0.01 5.21 -0.17
C GLU A 32 0.34 6.67 -0.46
N ARG A 33 -0.68 7.52 -0.37
CA ARG A 33 -0.49 8.94 -0.62
C ARG A 33 0.66 9.51 0.21
N ILE A 34 0.63 9.22 1.51
CA ILE A 34 1.67 9.69 2.42
C ILE A 34 3.05 9.61 1.76
N HIS A 35 3.18 8.72 0.79
CA HIS A 35 4.45 8.55 0.08
C HIS A 35 4.45 9.32 -1.23
N THR A 36 4.77 10.60 -1.15
CA THR A 36 4.80 11.45 -2.33
C THR A 36 5.91 12.50 -2.23
N ARG A 37 6.28 13.08 -3.36
CA ARG A 37 7.33 14.09 -3.39
C ARG A 37 6.84 15.36 -4.09
N GLY A 38 6.13 15.19 -5.20
CA GLY A 38 5.62 16.33 -5.94
C GLY A 38 4.58 17.12 -5.15
N VAL A 39 3.54 17.56 -5.84
CA VAL A 39 2.48 18.33 -5.20
C VAL A 39 3.05 19.35 -4.21
N LYS A 40 3.97 20.19 -4.70
CA LYS A 40 4.58 21.20 -3.86
C LYS A 40 4.40 22.59 -4.47
N SER A 41 4.56 23.63 -3.64
CA SER A 41 4.41 24.99 -4.09
C SER A 41 5.56 25.40 -5.01
N GLY A 42 5.22 25.83 -6.22
CA GLY A 42 6.22 26.24 -7.17
C GLY A 42 7.28 27.14 -6.55
N PRO A 43 8.45 27.22 -7.21
CA PRO A 43 9.57 28.05 -6.73
C PRO A 43 9.28 29.54 -6.84
N SER A 44 8.07 29.87 -7.30
CA SER A 44 7.67 31.27 -7.46
C SER A 44 7.83 32.03 -6.16
N SER A 45 7.75 33.35 -6.23
CA SER A 45 7.88 34.20 -5.05
C SER A 45 6.73 33.98 -4.08
N GLY A 46 7.03 33.34 -2.96
CA GLY A 46 6.01 33.07 -1.97
C GLY A 46 6.43 33.51 -0.58
ZN ZN B . 3.32 2.96 2.79
N GLY A 1 14.57 -26.13 -0.58
CA GLY A 1 13.42 -26.81 -0.03
C GLY A 1 12.34 -25.84 0.42
N SER A 2 12.05 -24.84 -0.40
CA SER A 2 11.04 -23.85 -0.07
C SER A 2 9.84 -23.96 -1.01
N SER A 3 8.81 -24.65 -0.56
CA SER A 3 7.60 -24.85 -1.36
C SER A 3 6.43 -25.28 -0.49
N GLY A 4 5.23 -25.18 -1.03
CA GLY A 4 4.04 -25.58 -0.29
C GLY A 4 3.30 -24.38 0.28
N SER A 5 3.06 -23.37 -0.56
CA SER A 5 2.36 -22.17 -0.14
C SER A 5 1.17 -22.52 0.76
N SER A 6 1.08 -21.84 1.90
CA SER A 6 0.00 -22.07 2.84
C SER A 6 -0.69 -20.76 3.23
N GLY A 7 -1.72 -20.40 2.49
CA GLY A 7 -2.45 -19.17 2.77
C GLY A 7 -2.64 -18.32 1.54
N GLN A 8 -3.07 -18.95 0.45
CA GLN A 8 -3.29 -18.24 -0.81
C GLN A 8 -4.71 -17.68 -0.87
N LYS A 9 -5.68 -18.49 -0.47
CA LYS A 9 -7.08 -18.08 -0.47
C LYS A 9 -7.22 -16.62 -0.05
N GLU A 10 -6.65 -16.28 1.10
CA GLU A 10 -6.71 -14.92 1.61
C GLU A 10 -5.58 -14.07 1.03
N LYS A 11 -5.84 -12.78 0.86
CA LYS A 11 -4.86 -11.86 0.32
C LYS A 11 -4.65 -10.66 1.25
N CYS A 12 -3.41 -10.24 1.40
CA CYS A 12 -3.09 -9.10 2.27
C CYS A 12 -2.46 -7.98 1.45
N PHE A 13 -3.01 -6.77 1.61
CA PHE A 13 -2.51 -5.60 0.89
C PHE A 13 -1.29 -5.02 1.60
N LYS A 14 -0.11 -5.30 1.06
CA LYS A 14 1.13 -4.79 1.63
C LYS A 14 1.73 -3.69 0.77
N CYS A 15 2.15 -2.60 1.41
CA CYS A 15 2.73 -1.47 0.70
C CYS A 15 4.14 -1.81 0.20
N ASN A 16 4.76 -0.86 -0.48
CA ASN A 16 6.11 -1.06 -1.02
C ASN A 16 7.10 -0.12 -0.35
N LYS A 17 6.86 1.19 -0.46
CA LYS A 17 7.73 2.19 0.13
C LYS A 17 7.97 1.90 1.61
N CYS A 18 6.88 1.65 2.35
CA CYS A 18 6.98 1.35 3.77
C CYS A 18 6.91 -0.15 4.02
N GLU A 19 6.11 -0.84 3.22
CA GLU A 19 5.96 -2.28 3.36
C GLU A 19 5.18 -2.63 4.62
N LYS A 20 4.07 -1.93 4.84
CA LYS A 20 3.23 -2.16 6.01
C LYS A 20 1.91 -2.80 5.61
N THR A 21 1.52 -3.85 6.34
CA THR A 21 0.28 -4.54 6.06
C THR A 21 -0.92 -3.77 6.60
N PHE A 22 -2.06 -3.91 5.92
CA PHE A 22 -3.27 -3.22 6.34
C PHE A 22 -4.45 -4.19 6.41
N SER A 23 -5.60 -3.71 6.87
CA SER A 23 -6.79 -4.53 6.99
C SER A 23 -7.70 -4.35 5.78
N CYS A 24 -7.94 -3.10 5.41
CA CYS A 24 -8.80 -2.80 4.25
C CYS A 24 -7.99 -2.14 3.14
N SER A 25 -8.51 -2.22 1.92
CA SER A 25 -7.84 -1.63 0.77
C SER A 25 -7.85 -0.11 0.85
N LYS A 26 -9.04 0.46 0.98
CA LYS A 26 -9.20 1.91 1.07
C LYS A 26 -8.10 2.51 1.95
N TYR A 27 -8.02 2.05 3.19
CA TYR A 27 -7.01 2.55 4.12
C TYR A 27 -5.64 2.62 3.46
N LEU A 28 -5.29 1.59 2.71
CA LEU A 28 -4.01 1.53 2.02
C LEU A 28 -3.97 2.54 0.87
N THR A 29 -5.09 2.67 0.16
CA THR A 29 -5.18 3.59 -0.96
C THR A 29 -4.82 5.01 -0.54
N GLN A 30 -5.55 5.54 0.44
CA GLN A 30 -5.30 6.89 0.94
C GLN A 30 -3.91 6.99 1.56
N HIS A 31 -3.48 5.93 2.21
CA HIS A 31 -2.17 5.90 2.86
C HIS A 31 -1.06 6.07 1.82
N GLU A 32 -0.99 5.13 0.88
CA GLU A 32 0.03 5.18 -0.17
C GLU A 32 0.34 6.62 -0.56
N ARG A 33 -0.67 7.48 -0.48
CA ARG A 33 -0.50 8.89 -0.82
C ARG A 33 0.69 9.49 -0.07
N ILE A 34 0.71 9.29 1.25
CA ILE A 34 1.80 9.81 2.07
C ILE A 34 3.14 9.69 1.37
N HIS A 35 3.24 8.74 0.44
CA HIS A 35 4.47 8.52 -0.31
C HIS A 35 4.50 9.39 -1.57
N THR A 36 3.61 9.08 -2.50
CA THR A 36 3.53 9.82 -3.76
C THR A 36 3.22 11.29 -3.51
N ARG A 37 4.12 12.16 -3.93
CA ARG A 37 3.94 13.60 -3.74
C ARG A 37 3.78 14.30 -5.09
N GLY A 38 2.56 14.28 -5.62
CA GLY A 38 2.30 14.91 -6.90
C GLY A 38 1.17 15.92 -6.83
N VAL A 39 0.99 16.69 -7.89
CA VAL A 39 -0.06 17.70 -7.95
C VAL A 39 -1.12 17.33 -8.98
N LYS A 40 -2.25 16.81 -8.51
CA LYS A 40 -3.33 16.42 -9.40
C LYS A 40 -4.22 17.62 -9.74
N SER A 41 -3.79 18.39 -10.74
CA SER A 41 -4.54 19.58 -11.16
C SER A 41 -5.88 19.17 -11.76
N GLY A 42 -6.89 19.04 -10.91
CA GLY A 42 -8.21 18.67 -11.37
C GLY A 42 -8.96 17.80 -10.37
N PRO A 43 -9.95 17.06 -10.86
CA PRO A 43 -10.77 16.17 -10.02
C PRO A 43 -9.98 14.97 -9.50
N SER A 44 -10.57 14.25 -8.55
CA SER A 44 -9.91 13.08 -7.97
C SER A 44 -10.53 11.79 -8.50
N SER A 45 -9.69 10.86 -8.91
CA SER A 45 -10.15 9.58 -9.44
C SER A 45 -9.22 8.45 -9.03
N GLY A 46 -9.57 7.23 -9.43
CA GLY A 46 -8.75 6.07 -9.10
C GLY A 46 -8.79 5.01 -10.18
ZN ZN B . 3.19 2.91 2.46
N GLY A 1 17.48 -26.45 -2.76
CA GLY A 1 16.33 -25.95 -3.49
C GLY A 1 15.50 -24.97 -2.69
N SER A 2 14.45 -24.45 -3.30
CA SER A 2 13.57 -23.48 -2.63
C SER A 2 12.18 -24.06 -2.44
N SER A 3 11.94 -24.69 -1.30
CA SER A 3 10.65 -25.28 -1.00
C SER A 3 9.54 -24.24 -1.10
N GLY A 4 9.76 -23.09 -0.50
CA GLY A 4 8.77 -22.02 -0.53
C GLY A 4 7.88 -22.02 0.69
N SER A 5 8.48 -21.81 1.86
CA SER A 5 7.73 -21.79 3.11
C SER A 5 6.82 -20.58 3.18
N SER A 6 5.62 -20.72 2.61
CA SER A 6 4.64 -19.64 2.61
C SER A 6 3.22 -20.18 2.50
N GLY A 7 2.28 -19.48 3.13
CA GLY A 7 0.89 -19.90 3.11
C GLY A 7 -0.08 -18.76 3.38
N GLN A 8 -0.17 -17.83 2.44
CA GLN A 8 -1.06 -16.69 2.60
C GLN A 8 -2.40 -16.94 1.89
N LYS A 9 -3.35 -17.50 2.63
CA LYS A 9 -4.67 -17.79 2.08
C LYS A 9 -5.41 -16.50 1.73
N GLU A 10 -5.62 -15.66 2.73
CA GLU A 10 -6.32 -14.39 2.52
C GLU A 10 -5.42 -13.39 1.79
N LYS A 11 -6.03 -12.33 1.28
CA LYS A 11 -5.29 -11.29 0.56
C LYS A 11 -4.83 -10.19 1.50
N CYS A 12 -3.53 -9.98 1.59
CA CYS A 12 -2.97 -8.95 2.46
C CYS A 12 -2.38 -7.80 1.63
N PHE A 13 -3.03 -6.65 1.70
CA PHE A 13 -2.57 -5.48 0.97
C PHE A 13 -1.34 -4.85 1.62
N LYS A 14 -0.17 -5.16 1.07
CA LYS A 14 1.08 -4.63 1.60
C LYS A 14 1.59 -3.48 0.75
N CYS A 15 1.93 -2.37 1.40
CA CYS A 15 2.43 -1.19 0.69
C CYS A 15 3.75 -1.50 -0.01
N ASN A 16 3.91 -0.96 -1.21
CA ASN A 16 5.13 -1.18 -1.99
C ASN A 16 6.15 -0.09 -1.72
N LYS A 17 6.03 0.54 -0.56
CA LYS A 17 6.96 1.61 -0.17
C LYS A 17 7.45 1.40 1.26
N CYS A 18 6.52 1.30 2.19
CA CYS A 18 6.85 1.10 3.59
C CYS A 18 6.81 -0.38 3.97
N GLU A 19 6.01 -1.15 3.23
CA GLU A 19 5.88 -2.58 3.48
C GLU A 19 5.07 -2.84 4.74
N LYS A 20 4.03 -2.04 4.94
CA LYS A 20 3.18 -2.17 6.12
C LYS A 20 1.85 -2.83 5.75
N THR A 21 1.59 -4.00 6.32
CA THR A 21 0.37 -4.73 6.05
C THR A 21 -0.85 -4.00 6.61
N PHE A 22 -1.90 -3.90 5.80
CA PHE A 22 -3.12 -3.22 6.21
C PHE A 22 -4.30 -4.18 6.26
N SER A 23 -5.46 -3.68 6.66
CA SER A 23 -6.66 -4.49 6.75
C SER A 23 -7.43 -4.48 5.44
N CYS A 24 -7.79 -3.28 4.99
CA CYS A 24 -8.54 -3.12 3.74
C CYS A 24 -7.69 -2.43 2.68
N SER A 25 -8.18 -2.42 1.44
CA SER A 25 -7.46 -1.80 0.34
C SER A 25 -7.57 -0.28 0.41
N LYS A 26 -8.79 0.21 0.64
CA LYS A 26 -9.03 1.64 0.72
C LYS A 26 -8.02 2.32 1.65
N TYR A 27 -7.96 1.85 2.90
CA TYR A 27 -7.03 2.41 3.88
C TYR A 27 -5.64 2.54 3.29
N LEU A 28 -5.19 1.50 2.61
CA LEU A 28 -3.86 1.49 2.00
C LEU A 28 -3.77 2.54 0.89
N THR A 29 -4.64 2.41 -0.11
CA THR A 29 -4.67 3.34 -1.22
C THR A 29 -4.44 4.77 -0.76
N GLN A 30 -5.31 5.25 0.12
CA GLN A 30 -5.20 6.61 0.65
C GLN A 30 -3.87 6.79 1.37
N HIS A 31 -3.47 5.78 2.13
CA HIS A 31 -2.22 5.83 2.88
C HIS A 31 -1.04 6.11 1.95
N GLU A 32 -0.88 5.27 0.93
CA GLU A 32 0.21 5.42 -0.02
C GLU A 32 0.51 6.90 -0.28
N ARG A 33 -0.52 7.73 -0.17
CA ARG A 33 -0.37 9.16 -0.38
C ARG A 33 0.73 9.74 0.51
N ILE A 34 0.65 9.41 1.80
CA ILE A 34 1.65 9.90 2.75
C ILE A 34 3.05 9.88 2.16
N HIS A 35 3.25 9.02 1.16
CA HIS A 35 4.55 8.90 0.50
C HIS A 35 4.65 9.88 -0.67
N THR A 36 3.70 9.80 -1.58
CA THR A 36 3.67 10.68 -2.75
C THR A 36 3.09 12.04 -2.41
N ARG A 37 3.97 13.00 -2.15
CA ARG A 37 3.55 14.35 -1.81
C ARG A 37 3.97 15.35 -2.88
N GLY A 38 3.09 16.28 -3.19
CA GLY A 38 3.40 17.28 -4.20
C GLY A 38 3.79 18.62 -3.61
N VAL A 39 4.57 19.40 -4.35
CA VAL A 39 5.02 20.70 -3.88
C VAL A 39 3.84 21.56 -3.44
N LYS A 40 4.05 22.35 -2.38
CA LYS A 40 3.01 23.22 -1.86
C LYS A 40 2.49 24.15 -2.95
N SER A 41 3.40 24.78 -3.68
CA SER A 41 3.03 25.70 -4.76
C SER A 41 2.58 24.93 -5.99
N GLY A 42 1.73 25.55 -6.80
CA GLY A 42 1.24 24.92 -8.00
C GLY A 42 2.35 24.44 -8.89
N PRO A 43 2.13 23.30 -9.57
CA PRO A 43 3.12 22.70 -10.48
C PRO A 43 3.32 23.52 -11.74
N SER A 44 4.56 23.62 -12.19
CA SER A 44 4.89 24.39 -13.40
C SER A 44 5.81 23.59 -14.31
N SER A 45 5.82 23.95 -15.59
CA SER A 45 6.65 23.26 -16.57
C SER A 45 8.12 23.65 -16.40
N GLY A 46 8.89 22.76 -15.79
CA GLY A 46 10.30 23.02 -15.58
C GLY A 46 11.18 22.40 -16.64
ZN ZN B . 3.15 3.06 2.67
N GLY A 1 0.27 -34.38 -7.03
CA GLY A 1 0.66 -33.49 -5.96
C GLY A 1 -0.50 -32.67 -5.43
N SER A 2 -0.31 -31.35 -5.37
CA SER A 2 -1.35 -30.45 -4.89
C SER A 2 -1.13 -29.03 -5.40
N SER A 3 -2.06 -28.55 -6.22
CA SER A 3 -1.95 -27.21 -6.77
C SER A 3 -2.00 -26.16 -5.67
N GLY A 4 -1.87 -24.89 -6.07
CA GLY A 4 -1.91 -23.80 -5.11
C GLY A 4 -3.30 -23.28 -4.87
N SER A 5 -4.17 -24.16 -4.36
CA SER A 5 -5.56 -23.79 -4.09
C SER A 5 -5.89 -23.96 -2.61
N SER A 6 -6.09 -22.85 -1.92
CA SER A 6 -6.41 -22.88 -0.49
C SER A 6 -7.91 -22.73 -0.27
N GLY A 7 -8.33 -22.89 0.99
CA GLY A 7 -9.74 -22.78 1.31
C GLY A 7 -10.15 -21.35 1.61
N GLN A 8 -9.52 -20.76 2.63
CA GLN A 8 -9.83 -19.39 3.03
C GLN A 8 -9.30 -18.41 1.99
N LYS A 9 -9.94 -17.23 1.92
CA LYS A 9 -9.53 -16.20 0.99
C LYS A 9 -8.52 -15.24 1.63
N GLU A 10 -7.26 -15.64 1.62
CA GLU A 10 -6.20 -14.81 2.21
C GLU A 10 -6.08 -13.48 1.47
N LYS A 11 -6.60 -12.43 2.07
CA LYS A 11 -6.55 -11.10 1.46
C LYS A 11 -5.67 -10.16 2.28
N CYS A 12 -4.53 -9.77 1.70
CA CYS A 12 -3.60 -8.88 2.38
C CYS A 12 -2.96 -7.91 1.40
N PHE A 13 -2.83 -6.65 1.81
CA PHE A 13 -2.24 -5.63 0.95
C PHE A 13 -1.07 -4.93 1.66
N LYS A 14 0.15 -5.27 1.24
CA LYS A 14 1.34 -4.68 1.84
C LYS A 14 1.92 -3.59 0.94
N CYS A 15 2.04 -2.39 1.48
CA CYS A 15 2.58 -1.26 0.74
C CYS A 15 3.92 -1.62 0.09
N ASN A 16 4.47 -0.68 -0.67
CA ASN A 16 5.74 -0.90 -1.35
C ASN A 16 6.86 -0.08 -0.69
N LYS A 17 6.64 1.23 -0.60
CA LYS A 17 7.62 2.13 0.00
C LYS A 17 7.93 1.71 1.44
N CYS A 18 6.91 1.81 2.31
CA CYS A 18 7.07 1.44 3.70
C CYS A 18 6.95 -0.07 3.89
N GLU A 19 6.10 -0.69 3.08
CA GLU A 19 5.89 -2.13 3.16
C GLU A 19 5.12 -2.51 4.42
N LYS A 20 4.06 -1.75 4.71
CA LYS A 20 3.25 -2.00 5.89
C LYS A 20 2.02 -2.81 5.53
N THR A 21 1.72 -3.83 6.35
CA THR A 21 0.57 -4.69 6.12
C THR A 21 -0.72 -4.00 6.56
N PHE A 22 -1.75 -4.09 5.72
CA PHE A 22 -3.04 -3.47 6.03
C PHE A 22 -4.14 -4.52 6.10
N SER A 23 -5.34 -4.10 6.47
CA SER A 23 -6.48 -5.01 6.58
C SER A 23 -7.41 -4.85 5.38
N CYS A 24 -7.45 -3.64 4.81
CA CYS A 24 -8.30 -3.36 3.66
C CYS A 24 -7.51 -2.66 2.56
N SER A 25 -8.15 -2.44 1.42
CA SER A 25 -7.51 -1.78 0.29
C SER A 25 -7.69 -0.27 0.37
N LYS A 26 -8.90 0.16 0.75
CA LYS A 26 -9.19 1.58 0.87
C LYS A 26 -8.21 2.27 1.81
N TYR A 27 -7.87 1.59 2.89
CA TYR A 27 -6.94 2.14 3.87
C TYR A 27 -5.55 2.31 3.26
N LEU A 28 -5.11 1.32 2.50
CA LEU A 28 -3.81 1.37 1.86
C LEU A 28 -3.77 2.44 0.77
N THR A 29 -4.76 2.40 -0.12
CA THR A 29 -4.84 3.36 -1.21
C THR A 29 -4.55 4.78 -0.72
N GLN A 30 -5.41 5.27 0.18
CA GLN A 30 -5.24 6.60 0.74
C GLN A 30 -3.88 6.76 1.41
N HIS A 31 -3.50 5.77 2.21
CA HIS A 31 -2.22 5.79 2.90
C HIS A 31 -1.08 6.10 1.93
N GLU A 32 -0.95 5.27 0.91
CA GLU A 32 0.09 5.44 -0.10
C GLU A 32 0.40 6.92 -0.32
N ARG A 33 -0.65 7.74 -0.25
CA ARG A 33 -0.51 9.18 -0.45
C ARG A 33 0.64 9.74 0.40
N ILE A 34 0.63 9.39 1.69
CA ILE A 34 1.67 9.85 2.59
C ILE A 34 3.04 9.88 1.92
N HIS A 35 3.20 9.02 0.91
CA HIS A 35 4.46 8.94 0.18
C HIS A 35 4.47 9.94 -0.97
N THR A 36 3.46 9.86 -1.84
CA THR A 36 3.36 10.75 -2.99
C THR A 36 2.98 12.16 -2.55
N ARG A 37 3.94 13.08 -2.64
CA ARG A 37 3.70 14.46 -2.25
C ARG A 37 2.47 15.02 -2.96
N GLY A 38 2.52 15.08 -4.29
CA GLY A 38 1.40 15.59 -5.05
C GLY A 38 1.55 15.33 -6.54
N VAL A 39 1.49 16.39 -7.34
CA VAL A 39 1.62 16.27 -8.79
C VAL A 39 3.09 16.20 -9.20
N LYS A 40 3.94 16.92 -8.47
CA LYS A 40 5.37 16.94 -8.77
C LYS A 40 6.12 17.73 -7.71
N SER A 41 6.87 17.01 -6.87
CA SER A 41 7.65 17.64 -5.81
C SER A 41 8.94 16.87 -5.54
N GLY A 42 10.02 17.60 -5.31
CA GLY A 42 11.30 16.97 -5.04
C GLY A 42 12.11 17.70 -3.98
N PRO A 43 13.44 17.50 -4.00
CA PRO A 43 14.34 18.14 -3.04
C PRO A 43 14.46 19.64 -3.28
N SER A 44 14.74 20.38 -2.21
CA SER A 44 14.89 21.82 -2.30
C SER A 44 15.79 22.36 -1.18
N SER A 45 16.02 23.67 -1.20
CA SER A 45 16.86 24.30 -0.19
C SER A 45 16.01 25.04 0.84
N GLY A 46 16.06 24.57 2.09
CA GLY A 46 15.29 25.20 3.14
C GLY A 46 15.51 24.54 4.49
ZN ZN B . 3.27 3.03 2.57
N GLY A 1 -0.77 -35.96 -13.72
CA GLY A 1 0.41 -36.48 -13.04
C GLY A 1 0.26 -36.45 -11.54
N SER A 2 0.02 -35.26 -10.98
CA SER A 2 -0.13 -35.10 -9.54
C SER A 2 -1.01 -33.89 -9.23
N SER A 3 -1.63 -33.91 -8.06
CA SER A 3 -2.50 -32.82 -7.63
C SER A 3 -1.68 -31.56 -7.33
N GLY A 4 -2.30 -30.41 -7.53
CA GLY A 4 -1.62 -29.15 -7.29
C GLY A 4 -1.88 -28.62 -5.89
N SER A 5 -2.54 -27.46 -5.81
CA SER A 5 -2.84 -26.84 -4.52
C SER A 5 -4.23 -26.22 -4.53
N SER A 6 -4.91 -26.25 -3.39
CA SER A 6 -6.25 -25.69 -3.27
C SER A 6 -6.52 -25.23 -1.85
N GLY A 7 -7.52 -24.38 -1.68
CA GLY A 7 -7.87 -23.87 -0.36
C GLY A 7 -8.34 -22.44 -0.40
N GLN A 8 -8.48 -21.84 0.78
CA GLN A 8 -8.94 -20.46 0.89
C GLN A 8 -7.81 -19.49 0.54
N LYS A 9 -8.17 -18.30 0.09
CA LYS A 9 -7.19 -17.28 -0.28
C LYS A 9 -7.22 -16.12 0.71
N GLU A 10 -6.03 -15.60 1.04
CA GLU A 10 -5.92 -14.49 1.97
C GLU A 10 -5.53 -13.21 1.25
N LYS A 11 -6.52 -12.54 0.65
CA LYS A 11 -6.29 -11.31 -0.08
C LYS A 11 -5.81 -10.20 0.86
N CYS A 12 -4.50 -10.01 0.92
CA CYS A 12 -3.92 -8.99 1.78
C CYS A 12 -3.29 -7.87 0.95
N PHE A 13 -3.15 -6.70 1.55
CA PHE A 13 -2.56 -5.55 0.87
C PHE A 13 -1.33 -5.04 1.61
N LYS A 14 -0.20 -5.02 0.91
CA LYS A 14 1.05 -4.57 1.50
C LYS A 14 1.64 -3.42 0.70
N CYS A 15 2.10 -2.38 1.40
CA CYS A 15 2.68 -1.22 0.75
C CYS A 15 4.13 -1.50 0.33
N ASN A 16 4.44 -1.22 -0.93
CA ASN A 16 5.78 -1.44 -1.45
C ASN A 16 6.64 -0.20 -1.28
N LYS A 17 6.38 0.55 -0.22
CA LYS A 17 7.15 1.76 0.07
C LYS A 17 7.55 1.81 1.54
N CYS A 18 6.62 1.48 2.42
CA CYS A 18 6.88 1.49 3.85
C CYS A 18 6.97 0.07 4.40
N GLU A 19 6.31 -0.86 3.71
CA GLU A 19 6.32 -2.26 4.13
C GLU A 19 5.43 -2.47 5.36
N LYS A 20 4.30 -1.76 5.38
CA LYS A 20 3.37 -1.86 6.49
C LYS A 20 2.06 -2.52 6.05
N THR A 21 1.82 -3.72 6.54
CA THR A 21 0.61 -4.46 6.19
C THR A 21 -0.64 -3.77 6.74
N PHE A 22 -1.73 -3.81 5.98
CA PHE A 22 -2.97 -3.18 6.40
C PHE A 22 -4.12 -4.20 6.42
N SER A 23 -5.20 -3.84 7.09
CA SER A 23 -6.35 -4.72 7.20
C SER A 23 -7.22 -4.63 5.95
N CYS A 24 -7.56 -3.40 5.55
CA CYS A 24 -8.39 -3.18 4.38
C CYS A 24 -7.57 -2.54 3.26
N SER A 25 -8.20 -2.39 2.09
CA SER A 25 -7.53 -1.79 0.94
C SER A 25 -7.66 -0.28 0.94
N LYS A 26 -8.90 0.19 1.07
CA LYS A 26 -9.17 1.64 1.09
C LYS A 26 -8.15 2.36 1.96
N TYR A 27 -7.76 1.73 3.07
CA TYR A 27 -6.79 2.33 3.97
C TYR A 27 -5.42 2.43 3.32
N LEU A 28 -5.02 1.38 2.61
CA LEU A 28 -3.73 1.35 1.93
C LEU A 28 -3.72 2.31 0.75
N THR A 29 -4.80 2.29 -0.03
CA THR A 29 -4.91 3.16 -1.19
C THR A 29 -4.64 4.61 -0.82
N GLN A 30 -5.47 5.16 0.05
CA GLN A 30 -5.33 6.55 0.48
C GLN A 30 -3.97 6.76 1.15
N HIS A 31 -3.57 5.81 1.98
CA HIS A 31 -2.30 5.89 2.68
C HIS A 31 -1.15 6.11 1.70
N GLU A 32 -1.04 5.22 0.70
CA GLU A 32 0.01 5.32 -0.30
C GLU A 32 0.33 6.78 -0.61
N ARG A 33 -0.68 7.64 -0.50
CA ARG A 33 -0.50 9.06 -0.77
C ARG A 33 0.64 9.63 0.06
N ILE A 34 0.62 9.36 1.36
CA ILE A 34 1.66 9.84 2.26
C ILE A 34 3.04 9.79 1.61
N HIS A 35 3.18 8.89 0.63
CA HIS A 35 4.45 8.73 -0.07
C HIS A 35 4.53 9.70 -1.26
N THR A 36 4.89 10.95 -0.97
CA THR A 36 4.99 11.97 -2.02
C THR A 36 6.13 12.93 -1.72
N ARG A 37 6.90 13.28 -2.74
CA ARG A 37 8.02 14.20 -2.59
C ARG A 37 7.55 15.64 -2.74
N GLY A 38 7.87 16.47 -1.74
CA GLY A 38 7.48 17.86 -1.78
C GLY A 38 6.56 18.24 -0.63
N VAL A 39 7.02 17.99 0.59
CA VAL A 39 6.23 18.30 1.78
C VAL A 39 6.84 19.48 2.55
N LYS A 40 6.07 20.04 3.47
CA LYS A 40 6.54 21.16 4.27
C LYS A 40 7.27 20.67 5.52
N SER A 41 8.57 20.46 5.39
CA SER A 41 9.38 19.99 6.50
C SER A 41 10.85 20.36 6.31
N GLY A 42 11.53 20.66 7.41
CA GLY A 42 12.93 21.04 7.33
C GLY A 42 13.13 22.50 6.99
N PRO A 43 14.19 23.10 7.54
CA PRO A 43 14.51 24.51 7.31
C PRO A 43 14.99 24.77 5.89
N SER A 44 14.05 25.08 5.00
CA SER A 44 14.36 25.34 3.60
C SER A 44 15.65 26.15 3.49
N SER A 45 15.70 27.28 4.19
CA SER A 45 16.86 28.15 4.17
C SER A 45 17.85 27.77 5.27
N GLY A 46 18.74 26.82 4.96
CA GLY A 46 19.72 26.39 5.93
C GLY A 46 19.09 25.78 7.17
ZN ZN B . 3.11 3.07 2.64
N GLY A 1 -0.81 -12.27 -17.00
CA GLY A 1 -0.90 -12.82 -15.66
C GLY A 1 -1.38 -14.26 -15.66
N SER A 2 -0.55 -15.16 -15.14
CA SER A 2 -0.90 -16.58 -15.08
C SER A 2 -1.63 -16.91 -13.79
N SER A 3 -2.96 -16.85 -13.83
CA SER A 3 -3.78 -17.14 -12.66
C SER A 3 -3.18 -18.28 -11.84
N GLY A 4 -2.62 -17.93 -10.68
CA GLY A 4 -2.02 -18.93 -9.82
C GLY A 4 -2.92 -19.33 -8.69
N SER A 5 -2.41 -19.23 -7.45
CA SER A 5 -3.19 -19.60 -6.27
C SER A 5 -4.17 -18.49 -5.90
N SER A 6 -5.34 -18.50 -6.55
CA SER A 6 -6.35 -17.50 -6.30
C SER A 6 -6.42 -17.15 -4.81
N GLY A 7 -6.43 -15.85 -4.50
CA GLY A 7 -6.50 -15.42 -3.12
C GLY A 7 -6.98 -13.99 -2.99
N GLN A 8 -8.28 -13.79 -3.22
CA GLN A 8 -8.87 -12.47 -3.12
C GLN A 8 -9.24 -12.13 -1.68
N LYS A 9 -10.00 -13.03 -1.05
CA LYS A 9 -10.42 -12.83 0.33
C LYS A 9 -9.22 -12.69 1.25
N GLU A 10 -8.31 -13.65 1.19
CA GLU A 10 -7.10 -13.64 2.01
C GLU A 10 -6.00 -12.82 1.35
N LYS A 11 -6.37 -11.69 0.77
CA LYS A 11 -5.41 -10.81 0.10
C LYS A 11 -4.85 -9.78 1.07
N CYS A 12 -3.60 -9.98 1.48
CA CYS A 12 -2.95 -9.07 2.41
C CYS A 12 -2.44 -7.83 1.69
N PHE A 13 -3.07 -6.70 1.95
CA PHE A 13 -2.69 -5.43 1.32
C PHE A 13 -1.41 -4.88 1.94
N LYS A 14 -0.30 -5.05 1.24
CA LYS A 14 0.99 -4.56 1.73
C LYS A 14 1.50 -3.41 0.87
N CYS A 15 2.33 -2.56 1.46
CA CYS A 15 2.89 -1.42 0.75
C CYS A 15 4.30 -1.72 0.26
N ASN A 16 4.85 -0.81 -0.54
CA ASN A 16 6.20 -0.98 -1.07
C ASN A 16 7.19 -0.02 -0.39
N LYS A 17 6.84 1.25 -0.36
CA LYS A 17 7.68 2.27 0.26
C LYS A 17 7.96 1.92 1.72
N CYS A 18 6.91 1.94 2.53
CA CYS A 18 7.04 1.63 3.95
C CYS A 18 7.03 0.12 4.17
N GLU A 19 6.23 -0.59 3.40
CA GLU A 19 6.13 -2.04 3.51
C GLU A 19 5.33 -2.43 4.75
N LYS A 20 4.21 -1.74 4.96
CA LYS A 20 3.34 -2.03 6.11
C LYS A 20 2.09 -2.78 5.68
N THR A 21 1.80 -3.88 6.37
CA THR A 21 0.64 -4.69 6.06
C THR A 21 -0.65 -4.03 6.56
N PHE A 22 -1.72 -4.18 5.80
CA PHE A 22 -3.01 -3.60 6.16
C PHE A 22 -4.12 -4.64 6.08
N SER A 23 -5.25 -4.34 6.71
CA SER A 23 -6.40 -5.25 6.72
C SER A 23 -7.55 -4.67 5.92
N CYS A 24 -7.23 -3.90 4.88
CA CYS A 24 -8.25 -3.28 4.04
C CYS A 24 -7.62 -2.64 2.81
N SER A 25 -8.43 -2.42 1.77
CA SER A 25 -7.95 -1.82 0.54
C SER A 25 -7.98 -0.30 0.63
N LYS A 26 -9.05 0.23 1.21
CA LYS A 26 -9.19 1.67 1.35
C LYS A 26 -8.05 2.26 2.17
N TYR A 27 -7.89 1.77 3.39
CA TYR A 27 -6.82 2.25 4.28
C TYR A 27 -5.50 2.35 3.53
N LEU A 28 -5.23 1.34 2.69
CA LEU A 28 -3.99 1.31 1.92
C LEU A 28 -4.01 2.36 0.81
N THR A 29 -4.93 2.19 -0.14
CA THR A 29 -5.05 3.12 -1.25
C THR A 29 -4.73 4.55 -0.82
N GLN A 30 -5.54 5.07 0.09
CA GLN A 30 -5.35 6.42 0.59
C GLN A 30 -3.97 6.57 1.24
N HIS A 31 -3.59 5.58 2.02
CA HIS A 31 -2.29 5.60 2.69
C HIS A 31 -1.16 5.84 1.69
N GLU A 32 -1.05 4.96 0.70
CA GLU A 32 -0.02 5.08 -0.32
C GLU A 32 0.25 6.55 -0.65
N ARG A 33 -0.77 7.39 -0.51
CA ARG A 33 -0.64 8.81 -0.80
C ARG A 33 0.50 9.42 0.01
N ILE A 34 0.52 9.14 1.31
CA ILE A 34 1.56 9.67 2.18
C ILE A 34 2.93 9.64 1.50
N HIS A 35 3.07 8.74 0.52
CA HIS A 35 4.33 8.62 -0.22
C HIS A 35 4.30 9.47 -1.48
N THR A 36 4.62 10.76 -1.33
CA THR A 36 4.63 11.68 -2.45
C THR A 36 5.64 12.79 -2.24
N ARG A 37 6.17 13.33 -3.34
CA ARG A 37 7.15 14.40 -3.27
C ARG A 37 6.46 15.77 -3.37
N GLY A 38 7.12 16.79 -2.84
CA GLY A 38 6.57 18.13 -2.88
C GLY A 38 7.22 19.06 -1.86
N VAL A 39 8.38 19.61 -2.22
CA VAL A 39 9.11 20.51 -1.33
C VAL A 39 9.59 19.78 -0.09
N LYS A 40 10.15 18.60 -0.28
CA LYS A 40 10.66 17.81 0.84
C LYS A 40 11.40 18.69 1.83
N SER A 41 12.42 19.39 1.35
CA SER A 41 13.21 20.27 2.20
C SER A 41 12.55 21.64 2.35
N GLY A 42 12.84 22.32 3.44
CA GLY A 42 12.27 23.63 3.69
C GLY A 42 13.00 24.73 2.93
N PRO A 43 13.92 25.41 3.64
CA PRO A 43 14.71 26.50 3.05
C PRO A 43 15.73 26.00 2.02
N SER A 44 15.72 26.62 0.85
CA SER A 44 16.63 26.23 -0.22
C SER A 44 17.91 27.09 -0.18
N SER A 45 18.97 26.59 -0.81
CA SER A 45 20.23 27.30 -0.85
C SER A 45 20.75 27.41 -2.28
N GLY A 46 20.25 28.41 -3.01
CA GLY A 46 20.67 28.60 -4.38
C GLY A 46 19.51 28.85 -5.32
ZN ZN B . 3.37 2.95 2.50
N GLY A 1 -15.81 -36.56 -2.23
CA GLY A 1 -16.23 -35.31 -1.63
C GLY A 1 -15.98 -34.12 -2.53
N SER A 2 -17.04 -33.56 -3.09
CA SER A 2 -16.93 -32.41 -3.98
C SER A 2 -16.16 -31.27 -3.32
N SER A 3 -15.20 -30.71 -4.04
CA SER A 3 -14.39 -29.63 -3.51
C SER A 3 -15.25 -28.61 -2.79
N GLY A 4 -16.37 -28.24 -3.41
CA GLY A 4 -17.26 -27.27 -2.80
C GLY A 4 -16.71 -25.86 -2.84
N SER A 5 -17.56 -24.92 -3.25
CA SER A 5 -17.15 -23.52 -3.34
C SER A 5 -16.44 -23.07 -2.07
N SER A 6 -15.11 -23.15 -2.08
CA SER A 6 -14.32 -22.76 -0.92
C SER A 6 -13.65 -21.40 -1.15
N GLY A 7 -14.31 -20.34 -0.72
CA GLY A 7 -13.76 -19.01 -0.89
C GLY A 7 -12.66 -18.69 0.09
N GLN A 8 -11.55 -18.17 -0.41
CA GLN A 8 -10.42 -17.84 0.44
C GLN A 8 -10.45 -16.37 0.85
N LYS A 9 -10.30 -16.11 2.15
CA LYS A 9 -10.31 -14.75 2.66
C LYS A 9 -8.90 -14.19 2.76
N GLU A 10 -8.39 -13.69 1.65
CA GLU A 10 -7.04 -13.13 1.61
C GLU A 10 -7.08 -11.65 1.19
N LYS A 11 -7.46 -10.80 2.13
CA LYS A 11 -7.55 -9.36 1.85
C LYS A 11 -6.33 -8.63 2.42
N CYS A 12 -5.16 -9.25 2.27
CA CYS A 12 -3.92 -8.66 2.76
C CYS A 12 -3.22 -7.86 1.66
N PHE A 13 -2.62 -6.74 2.05
CA PHE A 13 -1.93 -5.88 1.10
C PHE A 13 -0.77 -5.15 1.76
N LYS A 14 0.43 -5.30 1.19
CA LYS A 14 1.62 -4.65 1.73
C LYS A 14 2.02 -3.45 0.89
N CYS A 15 2.48 -2.40 1.54
CA CYS A 15 2.90 -1.19 0.86
C CYS A 15 4.23 -1.41 0.13
N ASN A 16 4.67 -0.39 -0.60
CA ASN A 16 5.92 -0.47 -1.35
C ASN A 16 7.02 0.34 -0.67
N LYS A 17 6.72 1.60 -0.38
CA LYS A 17 7.68 2.48 0.27
C LYS A 17 7.98 2.01 1.69
N CYS A 18 7.00 2.17 2.58
CA CYS A 18 7.16 1.75 3.97
C CYS A 18 7.17 0.23 4.09
N GLU A 19 6.44 -0.43 3.20
CA GLU A 19 6.36 -1.88 3.21
C GLU A 19 5.55 -2.38 4.40
N LYS A 20 4.44 -1.72 4.68
CA LYS A 20 3.59 -2.10 5.80
C LYS A 20 2.36 -2.86 5.31
N THR A 21 1.88 -3.78 6.14
CA THR A 21 0.71 -4.58 5.79
C THR A 21 -0.57 -3.95 6.33
N PHE A 22 -1.67 -4.16 5.62
CA PHE A 22 -2.96 -3.61 6.03
C PHE A 22 -4.03 -4.69 6.06
N SER A 23 -5.20 -4.36 6.61
CA SER A 23 -6.30 -5.31 6.69
C SER A 23 -7.19 -5.22 5.45
N CYS A 24 -7.03 -4.15 4.69
CA CYS A 24 -7.82 -3.95 3.48
C CYS A 24 -7.11 -3.01 2.51
N SER A 25 -7.57 -2.99 1.27
CA SER A 25 -6.98 -2.13 0.25
C SER A 25 -7.41 -0.68 0.44
N LYS A 26 -8.70 -0.49 0.69
CA LYS A 26 -9.25 0.85 0.89
C LYS A 26 -8.38 1.66 1.84
N TYR A 27 -7.89 1.00 2.88
CA TYR A 27 -7.04 1.66 3.87
C TYR A 27 -5.62 1.85 3.34
N LEU A 28 -5.23 0.99 2.41
CA LEU A 28 -3.90 1.06 1.81
C LEU A 28 -3.85 2.14 0.74
N THR A 29 -4.59 1.94 -0.33
CA THR A 29 -4.63 2.90 -1.44
C THR A 29 -4.49 4.33 -0.93
N GLN A 30 -5.37 4.70 0.00
CA GLN A 30 -5.34 6.05 0.57
C GLN A 30 -4.02 6.31 1.29
N HIS A 31 -3.59 5.36 2.10
CA HIS A 31 -2.35 5.47 2.85
C HIS A 31 -1.18 5.75 1.90
N GLU A 32 -1.14 5.03 0.79
CA GLU A 32 -0.08 5.20 -0.19
C GLU A 32 0.16 6.68 -0.49
N ARG A 33 -0.85 7.50 -0.23
CA ARG A 33 -0.75 8.94 -0.46
C ARG A 33 0.33 9.55 0.41
N ILE A 34 0.42 9.09 1.65
CA ILE A 34 1.42 9.59 2.58
C ILE A 34 2.78 9.72 1.93
N HIS A 35 3.04 8.87 0.93
CA HIS A 35 4.30 8.89 0.20
C HIS A 35 4.25 9.87 -0.97
N THR A 36 3.15 9.82 -1.72
CA THR A 36 2.98 10.69 -2.87
C THR A 36 2.16 11.92 -2.51
N ARG A 37 2.57 12.62 -1.45
CA ARG A 37 1.87 13.81 -1.00
C ARG A 37 2.69 15.06 -1.29
N GLY A 38 2.41 15.69 -2.43
CA GLY A 38 3.13 16.89 -2.80
C GLY A 38 4.64 16.68 -2.81
N VAL A 39 5.33 17.41 -1.93
CA VAL A 39 6.78 17.30 -1.84
C VAL A 39 7.24 17.24 -0.38
N LYS A 40 8.37 16.59 -0.15
CA LYS A 40 8.91 16.46 1.19
C LYS A 40 9.29 17.83 1.77
N SER A 41 9.88 18.68 0.93
CA SER A 41 10.29 20.01 1.35
C SER A 41 9.11 20.77 1.95
N GLY A 42 8.03 20.89 1.19
CA GLY A 42 6.86 21.59 1.67
C GLY A 42 6.50 22.78 0.81
N PRO A 43 6.74 23.99 1.34
CA PRO A 43 6.44 25.24 0.62
C PRO A 43 7.39 25.47 -0.56
N SER A 44 6.99 24.99 -1.73
CA SER A 44 7.79 25.12 -2.94
C SER A 44 7.74 26.56 -3.46
N SER A 45 6.52 27.05 -3.69
CA SER A 45 6.33 28.40 -4.19
C SER A 45 5.56 29.25 -3.18
N GLY A 46 4.50 28.68 -2.63
CA GLY A 46 3.68 29.39 -1.66
C GLY A 46 4.20 29.25 -0.25
ZN ZN B . 3.19 3.10 2.92
#